data_5CEX
#
_entry.id   5CEX
#
_cell.length_a   70.952
_cell.length_b   108.726
_cell.length_c   72.703
_cell.angle_alpha   90.00
_cell.angle_beta   91.35
_cell.angle_gamma   90.00
#
_symmetry.space_group_name_H-M   'P 1 21 1'
#
loop_
_entity.id
_entity.type
_entity.pdbx_description
1 polymer 'Antibody 9H+3L Fab light chain'
2 polymer 'Antibody 9H+3L Fab heavy chain'
3 non-polymer 'TETRAETHYLENE GLYCOL'
4 non-polymer GLYCEROL
5 non-polymer 'HEXAETHYLENE GLYCOL'
6 non-polymer 'TRIETHYLENE GLYCOL'
7 water water
#
loop_
_entity_poly.entity_id
_entity_poly.type
_entity_poly.pdbx_seq_one_letter_code
_entity_poly.pdbx_strand_id
1 'polypeptide(L)'
;SYVLTQPSQLSVAPGETARISCGGRSLGSRAVQWYQQKPGQAPVLVIYNNQDRPSGIPERFSGSPDSNFGTTATLTISRV
EAGDEADYYCHMWDSRSAINWVFGGGTKLTVLGQPKAAPSVTLFPPSSEELQANKATLVCLISDFYPGAVTVAWKADSSP
VKAGVETTTPSKQSNNKYAASSYLSLTPEQWKSHKSYSCQVTHEGSTVEKTVAPTECS
;
A,C
2 'polypeptide(L)'
;QVQLQESGPGLVKPSETLSLTCSVSGASISDHYWSWIRQSPGKGLEWIGYVYDSGDTNYNPSLKSRVNLSLDTSKNQVSL
SLTAVTAADSAIYYCARTQHGRRIYGIVAFREWFTYFYMDVWGQGTPVTVSSASTKGPSVFPLAPSSKSTSGGTAALGCL
VKDYFPEPVTVSWNSGALTSGVHTFPAVLQSSGLYSLSSVVTVPSSSLGTQTYICNVNHKPSNTKVDKKVEPKSCD
;
B,D
#
loop_
_chem_comp.id
_chem_comp.type
_chem_comp.name
_chem_comp.formula
GOL non-polymer GLYCEROL 'C3 H8 O3'
P6G non-polymer 'HEXAETHYLENE GLYCOL' 'C12 H26 O7'
PG4 non-polymer 'TETRAETHYLENE GLYCOL' 'C8 H18 O5'
PGE non-polymer 'TRIETHYLENE GLYCOL' 'C6 H14 O4'
#
# COMPACT_ATOMS: atom_id res chain seq x y z
N THR A 5 -6.95 24.73 25.83
CA THR A 5 -5.66 24.32 25.29
C THR A 5 -5.60 24.58 23.79
N GLN A 6 -6.71 24.32 23.10
CA GLN A 6 -6.86 24.68 21.70
C GLN A 6 -8.28 25.08 21.38
N PRO A 7 -8.42 25.96 20.30
CA PRO A 7 -9.82 26.29 20.02
C PRO A 7 -10.58 25.10 19.51
N SER A 8 -11.84 25.01 19.87
CA SER A 8 -12.66 23.90 19.41
C SER A 8 -12.78 23.93 17.90
N GLN A 9 -12.86 25.11 17.30
CA GLN A 9 -13.16 25.19 15.87
C GLN A 9 -12.37 26.21 15.04
N LEU A 10 -12.14 25.87 13.78
CA LEU A 10 -11.67 26.81 12.79
C LEU A 10 -12.31 26.51 11.45
N SER A 11 -12.69 27.53 10.70
CA SER A 11 -13.31 27.32 9.40
C SER A 11 -12.50 28.03 8.35
N VAL A 12 -12.39 27.43 7.17
CA VAL A 12 -11.46 27.92 6.17
C VAL A 12 -12.00 27.60 4.77
N ALA A 13 -11.71 28.45 3.78
CA ALA A 13 -12.11 28.19 2.40
C ALA A 13 -11.07 27.34 1.67
N PRO A 14 -11.51 26.51 0.71
CA PRO A 14 -10.56 25.61 0.03
C PRO A 14 -9.45 26.38 -0.63
N GLY A 15 -8.21 25.92 -0.46
CA GLY A 15 -7.08 26.55 -1.10
C GLY A 15 -6.36 27.60 -0.27
N GLU A 16 -6.97 28.06 0.81
CA GLU A 16 -6.26 29.04 1.61
C GLU A 16 -5.56 28.37 2.80
N THR A 17 -4.87 29.15 3.62
CA THR A 17 -4.02 28.59 4.66
C THR A 17 -4.69 28.54 6.04
N ALA A 18 -4.72 27.34 6.62
CA ALA A 18 -5.22 27.18 7.97
C ALA A 18 -4.07 27.26 8.98
N ARG A 19 -4.27 28.02 10.05
CA ARG A 19 -3.29 28.08 11.14
C ARG A 19 -3.96 27.67 12.43
N ILE A 20 -3.48 26.59 13.02
CA ILE A 20 -4.12 26.02 14.19
C ILE A 20 -3.22 26.17 15.41
N SER A 21 -3.80 26.67 16.49
CA SER A 21 -3.05 27.03 17.69
C SER A 21 -3.09 25.95 18.75
N CYS A 22 -1.95 25.72 19.39
CA CYS A 22 -1.91 24.72 20.44
C CYS A 22 -2.53 25.19 21.74
N GLY A 23 -2.71 24.23 22.65
CA GLY A 23 -3.27 24.47 23.96
C GLY A 23 -2.39 25.45 24.71
N GLY A 24 -1.09 25.37 24.49
CA GLY A 24 -0.17 26.39 24.95
C GLY A 24 0.21 26.29 26.40
N ARG A 25 0.71 27.38 26.95
CA ARG A 25 1.14 27.46 28.35
C ARG A 25 2.56 26.96 28.59
N SER A 26 3.30 26.74 27.51
CA SER A 26 4.70 26.31 27.61
C SER A 26 5.64 27.35 28.23
N LEU A 27 6.57 26.87 29.06
CA LEU A 27 7.68 27.68 29.53
C LEU A 27 9.00 27.00 29.22
N GLY A 28 9.89 27.71 28.52
CA GLY A 28 11.18 27.16 28.17
C GLY A 28 11.23 26.58 26.77
N SER A 29 12.08 25.57 26.59
CA SER A 29 12.14 24.84 25.34
C SER A 29 11.00 23.84 25.27
N ARG A 30 10.45 23.64 24.09
CA ARG A 30 9.27 22.80 23.91
C ARG A 30 9.46 21.80 22.78
N ALA A 31 8.75 20.67 22.89
CA ALA A 31 8.63 19.70 21.80
C ALA A 31 7.16 19.39 21.61
N VAL A 32 6.60 19.89 20.53
CA VAL A 32 5.17 19.78 20.30
C VAL A 32 4.86 18.77 19.21
N GLN A 33 3.91 17.88 19.52
CA GLN A 33 3.38 16.91 18.56
C GLN A 33 1.97 17.29 18.12
N TRP A 34 1.65 17.02 16.85
CA TRP A 34 0.30 17.24 16.31
C TRP A 34 -0.27 15.95 15.78
N TYR A 35 -1.53 15.68 16.11
CA TYR A 35 -2.22 14.48 15.64
C TYR A 35 -3.46 14.88 14.87
N GLN A 36 -3.74 14.13 13.82
CA GLN A 36 -4.91 14.38 12.98
C GLN A 36 -5.93 13.26 13.10
N GLN A 37 -7.16 13.60 13.45
CA GLN A 37 -8.19 12.57 13.46
C GLN A 37 -9.36 12.98 12.58
N LYS A 38 -9.50 12.28 11.47
CA LYS A 38 -10.61 12.49 10.56
C LYS A 38 -11.83 11.72 11.07
N PRO A 39 -13.03 12.13 10.64
CA PRO A 39 -14.26 11.43 11.06
C PRO A 39 -14.22 9.92 10.88
N GLY A 40 -14.52 9.20 11.97
CA GLY A 40 -14.55 7.75 11.95
C GLY A 40 -13.21 7.06 11.80
N GLN A 41 -12.11 7.76 12.13
CA GLN A 41 -10.79 7.17 11.98
C GLN A 41 -9.99 7.27 13.26
N ALA A 42 -8.96 6.44 13.37
CA ALA A 42 -7.99 6.54 14.46
C ALA A 42 -7.05 7.72 14.17
N PRO A 43 -6.48 8.32 15.23
CA PRO A 43 -5.54 9.45 15.08
C PRO A 43 -4.30 9.07 14.28
N VAL A 44 -3.73 10.08 13.62
CA VAL A 44 -2.53 9.92 12.80
C VAL A 44 -1.54 11.00 13.22
N LEU A 45 -0.31 10.61 13.47
CA LEU A 45 0.73 11.59 13.80
C LEU A 45 1.09 12.40 12.56
N VAL A 46 1.02 13.72 12.67
CA VAL A 46 1.31 14.55 11.52
C VAL A 46 2.61 15.36 11.71
N ILE A 47 2.89 15.78 12.95
CA ILE A 47 4.08 16.55 13.29
C ILE A 47 4.66 16.05 14.62
N TYR A 48 5.97 16.00 14.74
CA TYR A 48 6.58 15.82 16.04
C TYR A 48 7.81 16.69 16.18
N ASN A 49 8.16 16.96 17.44
CA ASN A 49 9.30 17.80 17.77
C ASN A 49 9.17 19.16 17.07
N ASN A 50 7.98 19.74 17.16
CA ASN A 50 7.63 21.05 16.59
C ASN A 50 7.48 20.96 15.08
N GLN A 51 8.49 20.49 14.37
CA GLN A 51 8.55 20.72 12.92
C GLN A 51 8.75 19.47 12.05
N ASP A 52 8.97 18.32 12.69
CA ASP A 52 9.29 17.08 11.98
C ASP A 52 8.04 16.34 11.47
N ARG A 53 8.11 15.89 10.22
CA ARG A 53 7.06 15.10 9.61
C ARG A 53 7.41 13.63 9.57
N PRO A 54 6.49 12.78 10.01
CA PRO A 54 6.71 11.36 9.72
C PRO A 54 6.68 11.15 8.22
N SER A 55 7.28 10.06 7.76
CA SER A 55 7.25 9.73 6.36
C SER A 55 5.82 9.63 5.85
N GLY A 56 5.56 10.22 4.68
CA GLY A 56 4.24 10.19 4.07
C GLY A 56 3.35 11.41 4.28
N ILE A 57 3.71 12.29 5.20
CA ILE A 57 2.92 13.49 5.43
C ILE A 57 3.27 14.52 4.36
N PRO A 58 2.24 15.07 3.67
CA PRO A 58 2.43 16.14 2.68
C PRO A 58 3.24 17.34 3.21
N GLU A 59 3.95 18.01 2.31
CA GLU A 59 4.69 19.21 2.62
C GLU A 59 3.78 20.36 3.02
N ARG A 60 2.49 20.25 2.68
CA ARG A 60 1.47 21.23 3.06
C ARG A 60 1.31 21.40 4.59
N PHE A 61 1.60 20.35 5.34
CA PHE A 61 1.53 20.39 6.81
C PHE A 61 2.89 20.81 7.36
N SER A 62 2.94 21.90 8.13
CA SER A 62 4.19 22.30 8.78
C SER A 62 3.92 22.85 10.17
N GLY A 63 4.91 22.71 11.04
CA GLY A 63 4.77 23.16 12.41
C GLY A 63 5.55 24.44 12.59
N SER A 64 5.39 25.07 13.74
CA SER A 64 6.12 26.29 14.08
C SER A 64 7.37 26.01 14.94
N PRO A 65 8.42 26.77 14.71
CA PRO A 65 9.65 26.67 15.52
C PRO A 65 9.39 26.91 16.99
N ASP A 66 10.43 26.67 17.80
CA ASP A 66 10.34 26.80 19.24
C ASP A 66 10.90 28.12 19.72
N THR A 71 4.97 28.20 24.00
CA THR A 71 3.77 29.01 24.00
C THR A 71 3.34 29.26 22.57
N THR A 72 2.05 29.14 22.30
CA THR A 72 1.52 29.46 20.97
C THR A 72 2.24 28.71 19.86
N ALA A 73 2.48 27.42 20.09
CA ALA A 73 3.00 26.56 19.06
C ALA A 73 1.96 26.46 17.87
N THR A 74 2.07 26.52 16.56
CA THR A 74 1.04 26.48 15.53
C THR A 74 1.29 25.39 14.48
N LEU A 75 0.22 24.69 14.09
CA LEU A 75 0.24 23.79 12.95
C LEU A 75 -0.31 24.56 11.74
N THR A 76 0.46 24.63 10.66
CA THR A 76 0.00 25.34 9.48
C THR A 76 -0.28 24.36 8.36
N ILE A 77 -1.45 24.51 7.75
CA ILE A 77 -1.80 23.72 6.57
C ILE A 77 -2.08 24.65 5.42
N SER A 78 -1.20 24.66 4.43
CA SER A 78 -1.41 25.49 3.25
C SER A 78 -2.19 24.72 2.19
N ARG A 79 -2.88 25.46 1.32
CA ARG A 79 -3.67 24.86 0.24
C ARG A 79 -4.63 23.83 0.78
N VAL A 80 -5.40 24.21 1.80
CA VAL A 80 -6.30 23.27 2.45
C VAL A 80 -7.31 22.70 1.45
N GLU A 81 -7.59 21.41 1.61
CA GLU A 81 -8.58 20.71 0.80
C GLU A 81 -9.65 20.17 1.71
N ALA A 82 -10.76 19.74 1.13
CA ALA A 82 -11.84 19.13 1.89
C ALA A 82 -11.36 17.93 2.69
N GLY A 83 -10.47 17.12 2.12
CA GLY A 83 -9.96 15.95 2.81
C GLY A 83 -9.22 16.24 4.11
N ASP A 84 -8.84 17.50 4.35
CA ASP A 84 -8.11 17.92 5.55
C ASP A 84 -8.99 18.12 6.78
N GLU A 85 -10.31 18.18 6.60
CA GLU A 85 -11.24 18.34 7.71
C GLU A 85 -11.05 17.27 8.78
N ALA A 86 -10.81 17.68 10.01
CA ALA A 86 -10.47 16.71 11.04
C ALA A 86 -10.42 17.42 12.35
N ASP A 87 -10.30 16.64 13.42
CA ASP A 87 -9.90 17.21 14.69
C ASP A 87 -8.37 17.13 14.76
N TYR A 88 -7.75 18.25 15.08
CA TYR A 88 -6.30 18.31 15.22
C TYR A 88 -6.00 18.51 16.70
N TYR A 89 -5.27 17.56 17.28
CA TYR A 89 -4.85 17.60 18.67
C TYR A 89 -3.37 17.85 18.80
N CYS A 90 -2.99 18.76 19.70
CA CYS A 90 -1.58 18.95 20.00
C CYS A 90 -1.23 18.25 21.32
N HIS A 91 0.04 17.88 21.44
CA HIS A 91 0.57 17.31 22.66
C HIS A 91 1.88 18.02 22.96
N MET A 92 1.85 18.88 23.99
CA MET A 92 2.92 19.83 24.31
C MET A 92 3.87 19.26 25.37
N TRP A 93 5.16 19.22 25.07
CA TRP A 93 6.19 18.83 26.01
C TRP A 93 7.21 19.92 26.20
N ASP A 94 7.61 20.16 27.44
CA ASP A 94 8.58 21.19 27.74
C ASP A 94 9.62 20.77 28.78
N SER A 95 10.64 21.58 28.91
CA SER A 95 11.74 21.33 29.82
C SER A 95 11.24 21.28 31.25
N ARG A 96 10.18 22.02 31.53
CA ARG A 96 9.68 22.17 32.88
C ARG A 96 9.30 20.86 33.52
N SER A 97 8.61 20.01 32.78
CA SER A 97 7.96 18.84 33.36
C SER A 97 8.51 17.56 32.79
N ALA A 98 8.72 16.57 33.65
CA ALA A 98 9.26 15.33 33.18
C ALA A 98 8.28 14.78 32.18
N ILE A 99 6.99 14.90 32.50
CA ILE A 99 5.96 14.35 31.63
C ILE A 99 4.74 15.26 31.53
N ASN A 100 4.31 15.54 30.31
CA ASN A 100 2.98 16.10 30.14
C ASN A 100 2.00 15.03 29.73
N TRP A 101 1.06 14.72 30.62
CA TRP A 101 0.10 13.68 30.32
C TRP A 101 -1.08 14.19 29.50
N VAL A 102 -1.23 15.49 29.36
CA VAL A 102 -2.49 15.90 28.77
C VAL A 102 -2.40 16.38 27.34
N PHE A 103 -3.23 15.78 26.51
CA PHE A 103 -3.43 16.21 25.14
C PHE A 103 -4.19 17.51 25.12
N GLY A 104 -4.00 18.28 24.06
CA GLY A 104 -4.75 19.48 23.85
C GLY A 104 -6.20 19.15 23.59
N GLY A 105 -7.06 20.12 23.86
CA GLY A 105 -8.51 19.92 23.78
C GLY A 105 -8.90 19.54 22.38
N GLY A 106 -8.19 20.14 21.42
CA GLY A 106 -8.29 19.88 19.97
C GLY A 106 -9.03 20.95 19.20
N THR A 107 -8.75 21.01 17.91
CA THR A 107 -9.39 21.98 17.03
C THR A 107 -10.12 21.30 15.89
N LYS A 108 -11.37 21.69 15.70
CA LYS A 108 -12.17 21.18 14.60
C LYS A 108 -11.96 22.09 13.40
N LEU A 109 -11.46 21.50 12.33
CA LEU A 109 -11.20 22.24 11.11
C LEU A 109 -12.34 22.02 10.13
N THR A 110 -12.96 23.11 9.68
CA THR A 110 -14.02 23.00 8.69
C THR A 110 -13.63 23.69 7.39
N VAL A 111 -13.89 23.02 6.30
CA VAL A 111 -13.63 23.59 5.02
C VAL A 111 -14.92 24.12 4.39
N LEU A 112 -14.85 25.38 4.01
CA LEU A 112 -15.98 26.09 3.44
C LEU A 112 -15.98 26.09 1.95
N GLY A 113 -17.15 26.33 1.37
CA GLY A 113 -17.33 26.51 -0.06
C GLY A 113 -17.28 25.23 -0.87
N GLN A 114 -17.50 24.12 -0.23
CA GLN A 114 -17.58 22.88 -0.97
C GLN A 114 -18.86 22.83 -1.82
N PRO A 115 -18.74 22.09 -3.02
CA PRO A 115 -19.96 22.13 -3.84
C PRO A 115 -21.14 21.39 -3.24
N LYS A 116 -22.34 21.95 -3.38
CA LYS A 116 -23.53 21.34 -2.81
C LYS A 116 -23.87 20.04 -3.56
N ALA A 117 -24.44 19.09 -2.85
CA ALA A 117 -24.87 17.83 -3.46
C ALA A 117 -26.16 17.36 -2.81
N ALA A 118 -27.15 17.05 -3.64
CA ALA A 118 -28.45 16.58 -3.16
C ALA A 118 -28.35 15.14 -2.70
N PRO A 119 -29.15 14.77 -1.68
CA PRO A 119 -29.04 13.37 -1.23
C PRO A 119 -29.62 12.36 -2.23
N SER A 120 -28.98 11.20 -2.30
CA SER A 120 -29.59 10.01 -2.89
C SER A 120 -30.35 9.27 -1.81
N VAL A 121 -31.62 8.97 -2.07
CA VAL A 121 -32.46 8.32 -1.06
C VAL A 121 -32.94 6.95 -1.52
N THR A 122 -32.68 5.92 -0.72
CA THR A 122 -33.16 4.58 -1.04
C THR A 122 -34.04 4.08 0.11
N LEU A 123 -35.24 3.64 -0.22
CA LEU A 123 -36.19 3.22 0.82
C LEU A 123 -36.51 1.73 0.70
N PHE A 124 -36.26 0.96 1.76
CA PHE A 124 -36.57 -0.48 1.71
C PHE A 124 -37.80 -0.81 2.52
N PRO A 125 -38.70 -1.64 1.95
CA PRO A 125 -39.81 -2.18 2.74
C PRO A 125 -39.35 -3.31 3.68
N PRO A 126 -40.21 -3.71 4.64
CA PRO A 126 -39.86 -4.87 5.48
C PRO A 126 -39.60 -6.12 4.65
N SER A 127 -38.65 -6.93 5.04
CA SER A 127 -38.42 -8.20 4.37
C SER A 127 -39.53 -9.18 4.74
N SER A 128 -39.81 -10.13 3.86
CA SER A 128 -40.78 -11.17 4.21
C SER A 128 -40.31 -12.01 5.38
N GLU A 129 -39.03 -12.38 5.37
CA GLU A 129 -38.44 -12.89 6.71
CA GLU A 129 -38.35 -12.83 6.70
C GLU A 129 -38.75 -12.09 8.06
N GLU A 130 -38.60 -10.78 8.07
CA GLU A 130 -38.95 -10.01 9.23
C GLU A 130 -40.45 -10.05 9.53
N LEU A 131 -41.26 -9.98 8.47
CA LEU A 131 -42.70 -10.00 8.60
C LEU A 131 -43.14 -11.34 9.18
N GLN A 132 -42.51 -12.40 8.69
CA GLN A 132 -42.80 -13.75 9.15
C GLN A 132 -42.50 -13.83 10.63
N ALA A 133 -41.53 -13.04 11.07
CA ALA A 133 -41.13 -13.02 12.47
C ALA A 133 -41.95 -12.05 13.31
N ASN A 134 -43.08 -11.57 12.77
CA ASN A 134 -43.98 -10.66 13.48
C ASN A 134 -43.35 -9.30 13.76
N LYS A 135 -42.45 -8.86 12.90
CA LYS A 135 -41.88 -7.52 13.04
C LYS A 135 -41.89 -6.80 11.69
N ALA A 136 -41.72 -5.48 11.72
CA ALA A 136 -41.65 -4.74 10.48
C ALA A 136 -40.80 -3.47 10.65
N THR A 137 -39.81 -3.32 9.78
CA THR A 137 -39.00 -2.12 9.82
C THR A 137 -38.79 -1.60 8.40
N LEU A 138 -39.10 -0.32 8.22
CA LEU A 138 -38.81 0.39 6.98
C LEU A 138 -37.44 1.03 7.11
N VAL A 139 -36.66 0.97 6.04
CA VAL A 139 -35.29 1.46 6.12
C VAL A 139 -35.05 2.55 5.07
N CYS A 140 -34.79 3.76 5.54
CA CYS A 140 -34.51 4.89 4.67
C CYS A 140 -33.02 5.24 4.74
N LEU A 141 -32.33 4.99 3.64
CA LEU A 141 -30.90 5.24 3.59
C LEU A 141 -30.57 6.47 2.74
N ILE A 142 -29.75 7.37 3.30
CA ILE A 142 -29.52 8.67 2.67
C ILE A 142 -28.03 8.97 2.49
N SER A 143 -27.56 9.19 1.27
CA SER A 143 -26.12 9.37 1.11
C SER A 143 -25.70 10.39 0.05
N ASP A 144 -24.40 10.69 0.04
CA ASP A 144 -23.79 11.58 -0.94
C ASP A 144 -24.35 13.00 -0.91
N PHE A 145 -24.69 13.52 0.26
CA PHE A 145 -25.15 14.91 0.29
C PHE A 145 -24.15 15.84 0.96
N TYR A 146 -24.23 17.11 0.57
CA TYR A 146 -23.47 18.19 1.20
C TYR A 146 -24.26 19.48 1.03
N PRO A 147 -24.37 20.31 2.07
CA PRO A 147 -23.81 20.20 3.42
C PRO A 147 -24.42 19.07 4.24
N GLY A 148 -23.90 18.85 5.45
CA GLY A 148 -24.28 17.71 6.25
C GLY A 148 -25.46 17.91 7.19
N ALA A 149 -26.50 18.62 6.75
CA ALA A 149 -27.69 18.81 7.58
C ALA A 149 -28.94 18.36 6.82
N VAL A 150 -29.76 17.54 7.47
CA VAL A 150 -30.91 16.95 6.82
C VAL A 150 -32.05 16.75 7.84
N THR A 151 -33.28 16.85 7.37
CA THR A 151 -34.46 16.57 8.18
C THR A 151 -35.19 15.40 7.53
N VAL A 152 -35.56 14.41 8.32
CA VAL A 152 -36.27 13.24 7.81
C VAL A 152 -37.67 13.16 8.43
N ALA A 153 -38.69 13.09 7.59
CA ALA A 153 -40.07 12.90 8.05
C ALA A 153 -40.67 11.64 7.41
N TRP A 154 -41.54 10.98 8.16
CA TRP A 154 -42.21 9.79 7.64
C TRP A 154 -43.72 10.02 7.52
N LYS A 155 -44.32 9.40 6.51
CA LYS A 155 -45.76 9.49 6.33
C LYS A 155 -46.35 8.09 6.13
N ALA A 156 -47.51 7.87 6.73
CA ALA A 156 -48.37 6.71 6.41
C ALA A 156 -49.52 7.25 5.59
N ASP A 157 -49.62 6.80 4.34
CA ASP A 157 -50.47 7.45 3.36
C ASP A 157 -50.04 8.90 3.55
N SER A 158 -50.98 9.79 3.88
CA SER A 158 -50.67 11.21 3.95
C SER A 158 -50.45 11.73 5.36
N SER A 159 -50.55 10.86 6.36
CA SER A 159 -50.46 11.34 7.73
C SER A 159 -49.05 11.23 8.27
N PRO A 160 -48.62 12.25 9.01
CA PRO A 160 -47.31 12.22 9.64
C PRO A 160 -47.22 11.06 10.62
N VAL A 161 -46.07 10.40 10.66
CA VAL A 161 -45.83 9.32 11.61
C VAL A 161 -44.89 9.82 12.68
N LYS A 162 -45.40 9.87 13.91
CA LYS A 162 -44.65 10.39 15.04
C LYS A 162 -43.82 9.29 15.70
N ALA A 163 -44.47 8.19 16.05
CA ALA A 163 -43.87 7.15 16.86
C ALA A 163 -43.07 6.14 16.03
N GLY A 164 -42.05 5.53 16.63
CA GLY A 164 -41.30 4.45 16.02
C GLY A 164 -40.23 4.88 15.02
N VAL A 165 -39.90 6.17 15.05
CA VAL A 165 -38.91 6.74 14.14
C VAL A 165 -37.56 6.90 14.82
N GLU A 166 -36.53 6.35 14.22
CA GLU A 166 -35.18 6.54 14.75
C GLU A 166 -34.28 6.97 13.60
N THR A 167 -33.62 8.13 13.77
CA THR A 167 -32.82 8.76 12.72
C THR A 167 -31.41 9.14 13.25
N THR A 168 -30.37 8.81 12.49
CA THR A 168 -28.99 9.15 12.87
C THR A 168 -28.63 10.59 12.55
N THR A 169 -27.58 11.11 13.21
CA THR A 169 -26.98 12.35 12.76
C THR A 169 -26.10 12.03 11.55
N PRO A 170 -25.93 13.00 10.64
CA PRO A 170 -25.15 12.71 9.44
C PRO A 170 -23.68 12.43 9.75
N SER A 171 -23.04 11.56 9.00
CA SER A 171 -21.61 11.32 9.20
C SER A 171 -20.87 11.45 7.88
N LYS A 172 -19.65 11.97 7.94
CA LYS A 172 -18.87 12.22 6.73
C LYS A 172 -18.35 10.94 6.10
N GLN A 173 -18.47 10.85 4.77
CA GLN A 173 -17.96 9.71 3.99
C GLN A 173 -16.56 10.03 3.49
N SER A 174 -15.85 9.01 3.02
CA SER A 174 -14.50 9.17 2.49
C SER A 174 -14.47 10.00 1.18
N ASN A 175 -15.62 10.18 0.54
CA ASN A 175 -15.66 11.03 -0.65
C ASN A 175 -15.98 12.48 -0.30
N ASN A 176 -15.92 12.77 1.00
CA ASN A 176 -16.19 14.08 1.59
C ASN A 176 -17.67 14.48 1.56
N LYS A 177 -18.55 13.58 1.15
CA LYS A 177 -19.98 13.87 1.30
C LYS A 177 -20.53 13.16 2.54
N TYR A 178 -21.81 13.38 2.84
CA TYR A 178 -22.39 12.88 4.08
C TYR A 178 -23.45 11.80 3.87
N ALA A 179 -23.67 11.01 4.93
CA ALA A 179 -24.67 9.94 4.91
C ALA A 179 -25.45 9.92 6.21
N ALA A 180 -26.66 9.38 6.15
CA ALA A 180 -27.51 9.24 7.34
C ALA A 180 -28.53 8.12 7.10
N SER A 181 -29.21 7.71 8.16
CA SER A 181 -30.18 6.61 8.08
C SER A 181 -31.39 6.93 8.90
N SER A 182 -32.55 6.46 8.47
CA SER A 182 -33.73 6.60 9.30
C SER A 182 -34.49 5.29 9.26
N TYR A 183 -35.00 4.91 10.42
CA TYR A 183 -35.71 3.64 10.60
C TYR A 183 -37.12 3.87 11.14
N LEU A 184 -38.11 3.22 10.53
CA LEU A 184 -39.45 3.24 11.08
C LEU A 184 -39.87 1.83 11.48
N SER A 185 -40.08 1.63 12.77
CA SER A 185 -40.49 0.33 13.30
C SER A 185 -42.00 0.26 13.39
N LEU A 186 -42.58 -0.77 12.78
CA LEU A 186 -44.03 -0.95 12.69
C LEU A 186 -44.40 -2.36 13.09
N THR A 187 -45.66 -2.55 13.46
CA THR A 187 -46.26 -3.87 13.57
C THR A 187 -46.62 -4.31 12.16
N PRO A 188 -46.58 -5.63 11.87
CA PRO A 188 -46.99 -6.08 10.54
C PRO A 188 -48.42 -5.68 10.15
N GLU A 189 -49.31 -5.55 11.12
CA GLU A 189 -50.66 -5.08 10.82
C GLU A 189 -50.68 -3.60 10.48
N GLN A 190 -49.83 -2.82 11.13
CA GLN A 190 -49.69 -1.41 10.76
C GLN A 190 -49.20 -1.26 9.33
N TRP A 191 -48.25 -2.11 8.95
CA TRP A 191 -47.68 -2.08 7.61
C TRP A 191 -48.72 -2.47 6.55
N LYS A 192 -49.43 -3.57 6.80
CA LYS A 192 -50.40 -4.07 5.83
C LYS A 192 -51.66 -3.20 5.70
N SER A 193 -51.98 -2.43 6.74
CA SER A 193 -53.19 -1.62 6.74
C SER A 193 -53.19 -0.52 5.69
N HIS A 194 -52.12 0.29 5.69
CA HIS A 194 -52.06 1.48 4.85
C HIS A 194 -51.68 1.19 3.41
N LYS A 195 -52.07 2.10 2.50
CA LYS A 195 -51.77 1.95 1.08
C LYS A 195 -50.28 2.18 0.77
N SER A 196 -49.65 3.06 1.54
CA SER A 196 -48.23 3.32 1.31
C SER A 196 -47.55 3.99 2.48
N TYR A 197 -46.21 3.93 2.48
CA TYR A 197 -45.42 4.66 3.46
C TYR A 197 -44.38 5.47 2.71
N SER A 198 -44.05 6.64 3.23
CA SER A 198 -43.07 7.50 2.57
C SER A 198 -42.02 8.02 3.54
N CYS A 199 -40.80 8.12 3.02
CA CYS A 199 -39.67 8.77 3.70
C CYS A 199 -39.42 10.08 2.98
N GLN A 200 -39.51 11.19 3.69
CA GLN A 200 -39.32 12.50 3.09
C GLN A 200 -38.09 13.14 3.64
N VAL A 201 -37.07 13.36 2.83
CA VAL A 201 -35.89 14.00 3.39
C VAL A 201 -35.64 15.37 2.78
N THR A 202 -35.53 16.33 3.68
CA THR A 202 -35.40 17.72 3.33
C THR A 202 -33.93 18.13 3.49
N HIS A 203 -33.37 18.73 2.44
CA HIS A 203 -31.98 19.14 2.37
C HIS A 203 -31.88 20.50 1.67
N GLU A 204 -31.39 21.52 2.37
CA GLU A 204 -31.25 22.84 1.78
C GLU A 204 -32.58 23.33 1.17
N GLY A 205 -33.66 23.23 1.95
CA GLY A 205 -34.94 23.77 1.56
C GLY A 205 -35.71 22.98 0.53
N SER A 206 -35.05 21.96 -0.05
CA SER A 206 -35.69 21.06 -1.01
C SER A 206 -35.87 19.62 -0.49
N THR A 207 -36.89 18.92 -0.97
CA THR A 207 -37.32 17.66 -0.38
C THR A 207 -37.46 16.54 -1.39
N VAL A 208 -36.81 15.41 -1.11
CA VAL A 208 -36.99 14.19 -1.92
C VAL A 208 -37.87 13.22 -1.13
N GLU A 209 -38.92 12.71 -1.77
CA GLU A 209 -39.77 11.72 -1.13
C GLU A 209 -39.71 10.41 -1.91
N LYS A 210 -39.51 9.32 -1.17
CA LYS A 210 -39.53 7.97 -1.69
C LYS A 210 -40.70 7.24 -1.01
N THR A 211 -41.40 6.40 -1.75
CA THR A 211 -42.59 5.75 -1.22
C THR A 211 -42.51 4.24 -1.45
N VAL A 212 -42.99 3.45 -0.49
CA VAL A 212 -43.15 2.02 -0.70
C VAL A 212 -44.54 1.56 -0.30
N ALA A 213 -44.97 0.42 -0.83
CA ALA A 213 -46.32 -0.07 -0.55
C ALA A 213 -46.37 -1.58 -0.34
N PRO A 214 -47.30 -2.06 0.50
CA PRO A 214 -47.55 -3.50 0.64
C PRO A 214 -47.98 -4.17 -0.68
N THR A 215 -47.21 -5.14 -1.15
CA THR A 215 -47.42 -5.79 -2.45
C THR A 215 -46.50 -7.01 -2.61
N GLN B 1 6.86 -4.49 9.58
CA GLN B 1 5.68 -3.69 9.31
C GLN B 1 4.77 -3.80 10.52
N VAL B 2 4.88 -2.88 11.46
CA VAL B 2 4.07 -2.95 12.66
C VAL B 2 2.58 -2.79 12.33
N GLN B 3 1.76 -3.67 12.91
CA GLN B 3 0.30 -3.56 12.84
C GLN B 3 -0.26 -3.88 14.24
N LEU B 4 -1.23 -3.09 14.69
CA LEU B 4 -1.80 -3.25 16.02
C LEU B 4 -3.26 -3.62 15.91
N GLN B 5 -3.72 -4.55 16.74
CA GLN B 5 -5.15 -4.79 16.82
C GLN B 5 -5.61 -4.93 18.27
N GLU B 6 -6.44 -3.99 18.70
CA GLU B 6 -7.00 -4.05 20.05
C GLU B 6 -8.19 -4.99 20.06
N SER B 7 -8.29 -5.77 21.11
CA SER B 7 -9.43 -6.64 21.33
C SER B 7 -9.88 -6.51 22.78
N GLY B 8 -11.20 -6.51 22.98
CA GLY B 8 -11.78 -6.33 24.30
C GLY B 8 -13.12 -7.03 24.36
N PRO B 9 -13.75 -7.00 25.53
CA PRO B 9 -15.07 -7.60 25.75
C PRO B 9 -16.18 -6.90 24.98
N GLY B 10 -16.08 -5.58 24.93
CA GLY B 10 -17.00 -4.71 24.24
C GLY B 10 -18.08 -4.22 25.18
N LEU B 11 -18.40 -5.04 26.17
CA LEU B 11 -19.27 -4.66 27.27
C LEU B 11 -18.69 -5.07 28.63
N VAL B 12 -18.75 -4.16 29.59
CA VAL B 12 -18.42 -4.46 30.99
C VAL B 12 -19.39 -3.84 31.98
N LYS B 13 -19.67 -4.56 33.06
CA LYS B 13 -20.53 -4.06 34.11
C LYS B 13 -19.81 -3.06 35.00
N PRO B 14 -20.54 -2.10 35.54
CA PRO B 14 -19.96 -1.16 36.49
C PRO B 14 -19.25 -1.89 37.64
N SER B 15 -18.10 -1.35 38.08
CA SER B 15 -17.27 -1.87 39.17
C SER B 15 -16.40 -3.08 38.80
N GLU B 16 -16.63 -3.67 37.62
CA GLU B 16 -15.79 -4.80 37.18
C GLU B 16 -14.39 -4.33 36.77
N THR B 17 -13.52 -5.28 36.49
CA THR B 17 -12.20 -4.96 35.96
C THR B 17 -12.19 -5.16 34.45
N LEU B 18 -11.90 -4.09 33.72
CA LEU B 18 -11.83 -4.11 32.26
C LEU B 18 -10.50 -4.71 31.85
N SER B 19 -10.53 -5.68 30.95
CA SER B 19 -9.30 -6.29 30.45
C SER B 19 -9.17 -6.15 28.93
N LEU B 20 -8.08 -5.55 28.48
CA LEU B 20 -7.86 -5.33 27.05
C LEU B 20 -6.53 -5.88 26.54
N THR B 21 -6.51 -6.26 25.27
CA THR B 21 -5.29 -6.76 24.67
C THR B 21 -4.99 -6.04 23.35
N CYS B 22 -3.72 -5.75 23.13
CA CYS B 22 -3.28 -5.27 21.83
C CYS B 22 -2.33 -6.31 21.26
N SER B 23 -2.73 -6.90 20.14
CA SER B 23 -1.90 -7.88 19.47
C SER B 23 -1.07 -7.17 18.41
N VAL B 24 0.24 -7.38 18.43
CA VAL B 24 1.03 -6.70 17.41
C VAL B 24 1.74 -7.72 16.53
N SER B 25 1.81 -7.40 15.25
CA SER B 25 2.50 -8.21 14.25
C SER B 25 3.52 -7.37 13.50
N GLY B 26 4.48 -8.04 12.88
CA GLY B 26 5.47 -7.33 12.07
C GLY B 26 6.38 -6.53 12.95
N ALA B 27 6.42 -6.83 14.25
CA ALA B 27 7.31 -6.16 15.20
C ALA B 27 7.39 -6.93 16.50
N SER B 28 8.51 -6.81 17.21
CA SER B 28 8.60 -7.42 18.52
C SER B 28 8.10 -6.47 19.58
N ILE B 29 7.39 -7.00 20.57
CA ILE B 29 6.87 -6.19 21.66
C ILE B 29 8.00 -5.55 22.48
N SER B 30 9.13 -6.24 22.51
CA SER B 30 10.27 -5.81 23.33
C SER B 30 11.07 -4.68 22.71
N ASP B 31 10.84 -4.39 21.43
CA ASP B 31 11.62 -3.38 20.73
C ASP B 31 11.13 -1.94 20.90
N HIS B 32 9.97 -1.74 21.53
CA HIS B 32 9.36 -0.41 21.61
C HIS B 32 8.64 -0.11 22.92
N TYR B 33 8.42 1.18 23.20
CA TYR B 33 7.41 1.59 24.15
C TYR B 33 6.02 1.40 23.56
N TRP B 34 5.02 1.20 24.41
CA TRP B 34 3.62 1.10 23.95
C TRP B 34 2.67 1.89 24.84
N SER B 35 1.67 2.54 24.22
CA SER B 35 0.71 3.35 24.95
C SER B 35 -0.71 2.88 24.75
N TRP B 36 -1.58 3.17 25.72
CA TRP B 36 -3.01 3.07 25.50
C TRP B 36 -3.56 4.50 25.62
N ILE B 37 -4.51 4.82 24.75
CA ILE B 37 -5.15 6.13 24.72
C ILE B 37 -6.65 5.88 24.57
N ARG B 38 -7.50 6.73 25.15
CA ARG B 38 -8.93 6.53 24.95
C ARG B 38 -9.67 7.79 24.61
N GLN B 39 -10.83 7.61 23.99
CA GLN B 39 -11.65 8.72 23.52
C GLN B 39 -13.12 8.47 23.83
N SER B 40 -13.71 9.33 24.65
CA SER B 40 -15.13 9.22 24.94
C SER B 40 -15.86 9.80 23.76
N PRO B 41 -17.12 9.37 23.54
CA PRO B 41 -17.90 9.89 22.41
C PRO B 41 -17.96 11.41 22.39
N GLY B 42 -17.53 12.00 21.27
CA GLY B 42 -17.53 13.44 21.12
C GLY B 42 -16.62 14.17 22.07
N LYS B 43 -15.65 13.45 22.65
CA LYS B 43 -14.71 14.05 23.60
C LYS B 43 -13.28 13.93 23.06
N GLY B 44 -12.28 14.33 23.85
CA GLY B 44 -10.92 14.35 23.33
C GLY B 44 -10.13 13.07 23.50
N LEU B 45 -8.82 13.17 23.39
CA LEU B 45 -7.95 12.02 23.57
C LEU B 45 -7.39 12.02 24.98
N GLU B 46 -7.45 10.89 25.66
CA GLU B 46 -6.84 10.83 27.00
C GLU B 46 -5.76 9.76 27.03
N TRP B 47 -4.53 10.17 27.28
CA TRP B 47 -3.39 9.26 27.32
C TRP B 47 -3.45 8.48 28.63
N ILE B 48 -3.53 7.15 28.55
CA ILE B 48 -3.75 6.33 29.73
C ILE B 48 -2.48 5.94 30.46
N GLY B 49 -1.48 5.51 29.69
CA GLY B 49 -0.20 5.10 30.24
C GLY B 49 0.69 4.52 29.15
N TYR B 50 1.91 4.17 29.53
CA TYR B 50 2.86 3.58 28.60
C TYR B 50 3.69 2.54 29.31
N VAL B 51 4.23 1.61 28.56
CA VAL B 51 4.97 0.51 29.14
C VAL B 51 6.16 0.19 28.25
N TYR B 52 7.21 -0.36 28.84
CA TYR B 52 8.35 -0.84 28.09
C TYR B 52 8.92 -2.10 28.71
N ASP B 53 9.56 -2.95 27.93
CA ASP B 53 10.01 -4.23 28.47
C ASP B 53 10.92 -4.10 29.66
N SER B 54 11.70 -3.05 29.72
CA SER B 54 12.54 -2.84 30.89
C SER B 54 11.77 -2.92 32.21
N GLY B 55 10.45 -2.93 32.13
CA GLY B 55 9.61 -2.92 33.31
C GLY B 55 9.13 -1.52 33.57
N ASP B 56 9.64 -0.59 32.75
CA ASP B 56 9.20 0.79 32.82
C ASP B 56 7.71 0.90 32.45
N THR B 57 6.92 1.40 33.39
CA THR B 57 5.53 1.74 33.16
C THR B 57 5.29 3.04 33.91
N ASN B 58 4.37 3.84 33.38
CA ASN B 58 3.96 5.04 34.05
C ASN B 58 2.53 5.32 33.61
N TYR B 59 1.72 5.84 34.54
CA TYR B 59 0.29 6.02 34.31
C TYR B 59 -0.13 7.46 34.53
N ASN B 60 -1.12 7.89 33.75
CA ASN B 60 -1.77 9.18 33.97
C ASN B 60 -2.52 9.22 35.32
N PRO B 61 -2.21 10.20 36.20
CA PRO B 61 -2.91 10.32 37.49
C PRO B 61 -4.42 10.41 37.33
N SER B 62 -4.91 10.92 36.19
CA SER B 62 -6.37 11.06 35.97
C SER B 62 -7.07 9.69 35.89
N LEU B 63 -6.31 8.61 35.85
CA LEU B 63 -6.94 7.30 35.86
C LEU B 63 -7.08 6.78 37.31
N LYS B 64 -6.61 7.57 38.27
CA LYS B 64 -6.81 7.29 39.70
C LYS B 64 -6.11 6.03 40.22
N SER B 65 -4.94 5.68 39.67
CA SER B 65 -4.20 4.46 40.05
C SER B 65 -4.93 3.16 39.74
N ARG B 66 -5.97 3.24 38.90
CA ARG B 66 -6.78 2.06 38.61
C ARG B 66 -6.19 1.23 37.48
N VAL B 67 -5.14 1.73 36.84
CA VAL B 67 -4.61 1.11 35.61
C VAL B 67 -3.35 0.28 35.80
N ASN B 68 -3.33 -0.89 35.16
CA ASN B 68 -2.13 -1.70 35.02
C ASN B 68 -1.84 -2.06 33.57
N LEU B 69 -0.58 -1.90 33.16
CA LEU B 69 -0.13 -2.31 31.83
C LEU B 69 0.96 -3.37 31.93
N SER B 70 0.91 -4.37 31.06
CA SER B 70 1.93 -5.40 31.06
C SER B 70 2.26 -5.91 29.65
N LEU B 71 3.40 -6.58 29.52
CA LEU B 71 3.86 -7.13 28.24
C LEU B 71 3.94 -8.65 28.28
N ASP B 72 3.40 -9.27 27.24
CA ASP B 72 3.45 -10.72 27.08
C ASP B 72 4.31 -11.06 25.87
N THR B 73 5.58 -11.36 26.11
CA THR B 73 6.50 -11.63 25.01
C THR B 73 6.17 -12.93 24.28
N SER B 74 5.66 -13.92 24.99
CA SER B 74 5.33 -15.19 24.38
C SER B 74 4.22 -15.01 23.35
N LYS B 75 3.30 -14.08 23.62
CA LYS B 75 2.20 -13.86 22.70
C LYS B 75 2.36 -12.58 21.88
N ASN B 76 3.43 -11.84 22.16
CA ASN B 76 3.69 -10.55 21.51
C ASN B 76 2.49 -9.60 21.62
N GLN B 77 2.01 -9.37 22.83
CA GLN B 77 0.90 -8.46 23.02
C GLN B 77 1.09 -7.58 24.26
N VAL B 78 0.41 -6.45 24.25
CA VAL B 78 0.39 -5.51 25.36
C VAL B 78 -0.98 -5.59 25.98
N SER B 79 -1.04 -5.57 27.30
CA SER B 79 -2.29 -5.78 27.97
C SER B 79 -2.59 -4.63 28.89
N LEU B 80 -3.87 -4.34 29.03
CA LEU B 80 -4.35 -3.29 29.93
C LEU B 80 -5.44 -3.84 30.84
N SER B 81 -5.35 -3.46 32.10
CA SER B 81 -6.43 -3.73 33.05
C SER B 81 -6.81 -2.42 33.69
N LEU B 82 -8.12 -2.21 33.83
CA LEU B 82 -8.65 -1.02 34.47
C LEU B 82 -9.69 -1.47 35.49
N THR B 83 -9.42 -1.23 36.77
CA THR B 83 -10.30 -1.68 37.85
C THR B 83 -11.41 -0.70 38.18
N ALA B 84 -12.48 -1.22 38.80
CA ALA B 84 -13.55 -0.39 39.33
C ALA B 84 -14.12 0.54 38.27
N VAL B 85 -14.53 -0.02 37.13
CA VAL B 85 -14.93 0.85 36.04
C VAL B 85 -16.28 1.51 36.36
N THR B 86 -16.51 2.65 35.72
CA THR B 86 -17.77 3.40 35.80
C THR B 86 -18.19 3.76 34.39
N ALA B 87 -19.39 4.30 34.22
CA ALA B 87 -19.85 4.73 32.90
C ALA B 87 -18.90 5.76 32.29
N ALA B 88 -18.22 6.51 33.16
CA ALA B 88 -17.26 7.49 32.71
C ALA B 88 -16.09 6.86 31.96
N ASP B 89 -15.90 5.55 32.10
CA ASP B 89 -14.84 4.83 31.39
C ASP B 89 -15.28 4.32 29.98
N SER B 90 -16.51 4.56 29.59
CA SER B 90 -16.97 4.13 28.26
C SER B 90 -16.22 4.94 27.20
N ALA B 91 -15.57 4.25 26.27
CA ALA B 91 -14.77 4.95 25.27
C ALA B 91 -14.30 3.98 24.22
N ILE B 92 -13.69 4.53 23.17
CA ILE B 92 -12.87 3.75 22.29
C ILE B 92 -11.45 3.73 22.89
N TYR B 93 -10.85 2.54 22.97
CA TYR B 93 -9.50 2.38 23.52
C TYR B 93 -8.54 2.03 22.40
N TYR B 94 -7.47 2.81 22.28
CA TYR B 94 -6.46 2.57 21.25
C TYR B 94 -5.16 2.12 21.88
N CYS B 95 -4.44 1.25 21.19
CA CYS B 95 -3.04 1.05 21.53
C CYS B 95 -2.16 1.70 20.47
N ALA B 96 -1.01 2.23 20.86
CA ALA B 96 -0.12 2.90 19.89
C ALA B 96 1.36 2.66 20.16
N ARG B 97 2.11 2.39 19.10
CA ARG B 97 3.55 2.32 19.23
C ARG B 97 4.04 3.70 19.58
N THR B 98 4.94 3.77 20.54
CA THR B 98 5.37 5.03 21.08
C THR B 98 6.87 5.20 21.01
N GLN B 99 7.28 6.35 20.53
CA GLN B 99 8.65 6.66 20.26
C GLN B 99 9.07 7.73 21.23
N HIS B 100 10.37 7.81 21.53
CA HIS B 100 10.84 8.81 22.46
C HIS B 100 11.98 9.57 21.83
N GLY B 101 12.10 10.84 22.17
CA GLY B 101 13.20 11.61 21.64
C GLY B 101 13.77 12.49 22.72
N ARG B 102 14.95 13.05 22.45
CA ARG B 102 15.53 14.05 23.34
C ARG B 102 15.66 15.37 22.60
N ARG B 103 15.21 16.44 23.26
CA ARG B 103 15.42 17.78 22.77
C ARG B 103 16.47 18.45 23.66
N ILE B 104 17.51 19.03 23.07
CA ILE B 104 18.61 19.66 23.82
C ILE B 104 18.41 21.18 23.85
N TYR B 105 18.34 21.76 25.04
CA TYR B 105 18.14 23.20 25.10
C TYR B 105 19.33 23.92 25.71
N GLY B 106 20.35 23.16 26.09
CA GLY B 106 21.47 23.73 26.82
C GLY B 106 22.74 22.91 26.76
N ILE B 107 23.49 22.96 27.85
CA ILE B 107 24.73 22.18 27.97
C ILE B 107 24.40 20.74 28.34
N VAL B 108 24.79 19.82 27.47
CA VAL B 108 24.46 18.40 27.66
C VAL B 108 25.15 17.88 28.91
N ALA B 109 26.32 18.44 29.20
CA ALA B 109 27.06 18.10 30.41
C ALA B 109 26.29 18.55 31.64
N PHE B 110 25.57 19.66 31.50
CA PHE B 110 24.67 20.12 32.55
C PHE B 110 23.31 19.43 32.47
N ARG B 111 23.23 18.46 31.57
CA ARG B 111 22.04 17.64 31.40
C ARG B 111 20.84 18.49 31.03
N GLU B 112 21.09 19.56 30.30
CA GLU B 112 20.01 20.45 29.90
C GLU B 112 19.34 19.95 28.62
N TRP B 113 18.71 18.81 28.72
CA TRP B 113 17.91 18.25 27.64
C TRP B 113 16.74 17.51 28.26
N PHE B 114 15.68 17.34 27.50
CA PHE B 114 14.51 16.65 28.00
C PHE B 114 13.98 15.63 27.01
N THR B 115 13.24 14.66 27.52
CA THR B 115 12.71 13.61 26.69
C THR B 115 11.26 13.90 26.38
N TYR B 116 10.83 13.58 25.17
CA TYR B 116 9.42 13.70 24.81
C TYR B 116 9.00 12.37 24.19
N PHE B 117 7.71 12.08 24.23
CA PHE B 117 7.16 10.87 23.61
C PHE B 117 6.20 11.26 22.48
N TYR B 118 6.16 10.46 21.42
CA TYR B 118 5.18 10.64 20.38
C TYR B 118 4.68 9.28 19.85
N MET B 119 3.39 9.20 19.54
CA MET B 119 2.76 7.94 19.16
C MET B 119 2.63 7.83 17.65
N ASP B 120 3.52 7.07 17.04
CA ASP B 120 3.61 7.17 15.59
C ASP B 120 2.74 6.18 14.82
N VAL B 121 2.40 5.03 15.43
CA VAL B 121 1.47 4.09 14.79
C VAL B 121 0.34 3.68 15.74
N TRP B 122 -0.91 3.91 15.36
CA TRP B 122 -2.06 3.58 16.22
C TRP B 122 -2.87 2.41 15.67
N GLY B 123 -3.48 1.63 16.56
CA GLY B 123 -4.44 0.63 16.14
C GLY B 123 -5.74 1.32 15.78
N GLN B 124 -6.70 0.58 15.23
CA GLN B 124 -7.99 1.19 14.89
C GLN B 124 -8.88 1.40 16.13
N GLY B 125 -8.56 0.74 17.22
CA GLY B 125 -9.29 0.98 18.46
C GLY B 125 -10.39 -0.04 18.73
N THR B 126 -10.74 -0.22 20.00
CA THR B 126 -11.82 -1.14 20.38
C THR B 126 -12.81 -0.38 21.28
N PRO B 127 -14.11 -0.49 20.99
CA PRO B 127 -15.09 0.26 21.80
C PRO B 127 -15.42 -0.45 23.11
N VAL B 128 -15.54 0.31 24.19
CA VAL B 128 -15.89 -0.27 25.48
C VAL B 128 -17.10 0.41 26.04
N THR B 129 -18.12 -0.37 26.29
CA THR B 129 -19.34 0.16 26.86
C THR B 129 -19.54 -0.37 28.29
N VAL B 130 -19.54 0.53 29.26
CA VAL B 130 -19.79 0.19 30.67
C VAL B 130 -21.27 0.33 30.95
N SER B 131 -21.93 -0.79 31.18
CA SER B 131 -23.39 -0.84 31.31
C SER B 131 -23.83 -2.07 32.10
N SER B 132 -24.99 -1.98 32.75
CA SER B 132 -25.51 -3.13 33.49
C SER B 132 -26.39 -4.02 32.62
N ALA B 133 -26.78 -3.53 31.45
CA ALA B 133 -27.57 -4.31 30.46
C ALA B 133 -26.76 -5.46 29.87
N SER B 134 -27.43 -6.48 29.34
CA SER B 134 -26.72 -7.64 28.79
C SER B 134 -26.41 -7.46 27.31
N THR B 135 -25.48 -8.25 26.78
CA THR B 135 -25.26 -8.24 25.34
C THR B 135 -26.51 -8.77 24.66
N LYS B 136 -26.77 -8.28 23.44
CA LYS B 136 -27.81 -8.88 22.60
C LYS B 136 -27.28 -9.02 21.17
N GLY B 137 -27.30 -10.25 20.63
CA GLY B 137 -26.89 -10.49 19.26
C GLY B 137 -27.91 -9.91 18.28
N PRO B 138 -27.47 -9.54 17.07
CA PRO B 138 -28.42 -8.93 16.14
C PRO B 138 -29.28 -9.96 15.42
N SER B 139 -30.42 -9.51 14.93
CA SER B 139 -31.13 -10.29 13.94
C SER B 139 -30.82 -9.66 12.58
N VAL B 140 -30.47 -10.48 11.59
CA VAL B 140 -30.10 -9.88 10.33
C VAL B 140 -31.13 -10.33 9.30
N PHE B 141 -31.58 -9.35 8.52
CA PHE B 141 -32.62 -9.56 7.50
C PHE B 141 -32.13 -9.07 6.15
N PRO B 142 -32.54 -9.75 5.08
CA PRO B 142 -32.07 -9.27 3.78
C PRO B 142 -32.84 -8.01 3.32
N LEU B 143 -32.14 -7.12 2.64
CA LEU B 143 -32.78 -5.99 1.94
C LEU B 143 -32.71 -6.31 0.45
N ALA B 144 -33.76 -6.93 -0.04
CA ALA B 144 -33.79 -7.48 -1.38
C ALA B 144 -33.71 -6.40 -2.45
N PRO B 145 -32.93 -6.65 -3.48
CA PRO B 145 -32.91 -5.74 -4.61
C PRO B 145 -34.23 -5.84 -5.33
N SER B 146 -34.80 -4.71 -5.69
CA SER B 146 -36.07 -4.69 -6.37
C SER B 146 -36.12 -3.52 -7.33
N SER B 147 -37.07 -3.58 -8.24
CA SER B 147 -37.21 -2.55 -9.23
C SER B 147 -37.41 -1.24 -8.49
N LYS B 148 -37.99 -1.33 -7.30
CA LYS B 148 -38.06 -0.20 -6.38
C LYS B 148 -36.65 0.22 -5.96
N SER B 149 -35.79 -0.77 -5.76
CA SER B 149 -34.44 -0.52 -5.30
C SER B 149 -33.47 -0.23 -6.44
N THR B 150 -33.97 -0.19 -7.67
CA THR B 150 -33.10 -0.07 -8.81
C THR B 150 -33.31 1.18 -9.64
N SER B 151 -32.22 1.86 -9.97
CA SER B 151 -32.26 3.01 -10.86
C SER B 151 -31.20 2.93 -11.96
N GLY B 152 -31.61 3.05 -13.21
CA GLY B 152 -30.65 3.17 -14.29
C GLY B 152 -29.58 2.11 -14.38
N GLY B 153 -29.96 0.85 -14.18
CA GLY B 153 -29.04 -0.26 -14.36
C GLY B 153 -28.14 -0.62 -13.19
N THR B 154 -28.20 0.15 -12.10
CA THR B 154 -27.46 -0.18 -10.91
C THR B 154 -28.47 -0.52 -9.84
N ALA B 155 -28.23 -1.60 -9.12
CA ALA B 155 -29.25 -2.03 -8.18
C ALA B 155 -28.69 -2.01 -6.76
N ALA B 156 -29.52 -1.59 -5.81
CA ALA B 156 -29.12 -1.59 -4.42
C ALA B 156 -29.71 -2.81 -3.72
N LEU B 157 -28.85 -3.55 -3.03
CA LEU B 157 -29.27 -4.63 -2.15
C LEU B 157 -28.48 -4.54 -0.87
N GLY B 158 -29.00 -5.10 0.20
CA GLY B 158 -28.33 -4.94 1.48
C GLY B 158 -28.72 -5.91 2.57
N CYS B 159 -28.22 -5.63 3.76
CA CYS B 159 -28.55 -6.38 4.95
C CYS B 159 -28.90 -5.41 6.05
N LEU B 160 -30.00 -5.69 6.70
CA LEU B 160 -30.43 -4.96 7.88
C LEU B 160 -29.94 -5.69 9.15
N VAL B 161 -29.16 -5.00 9.99
CA VAL B 161 -28.65 -5.60 11.23
C VAL B 161 -29.35 -4.96 12.43
N LYS B 162 -30.36 -5.65 12.96
CA LYS B 162 -31.33 -5.03 13.87
C LYS B 162 -31.16 -5.39 15.35
N ASP B 163 -31.28 -4.37 16.19
CA ASP B 163 -31.39 -4.56 17.65
C ASP B 163 -30.23 -5.32 18.30
N TYR B 164 -29.04 -4.76 18.26
CA TYR B 164 -27.92 -5.42 18.94
C TYR B 164 -27.38 -4.50 20.03
N PHE B 165 -26.60 -5.09 20.93
CA PHE B 165 -25.95 -4.36 22.01
C PHE B 165 -24.76 -5.19 22.53
N PRO B 166 -23.61 -4.56 22.80
CA PRO B 166 -23.28 -3.16 22.50
C PRO B 166 -22.61 -3.06 21.13
N GLU B 167 -22.02 -1.91 20.81
CA GLU B 167 -21.12 -1.81 19.64
C GLU B 167 -19.89 -2.66 19.91
N PRO B 168 -19.19 -3.13 18.86
CA PRO B 168 -19.41 -2.85 17.43
C PRO B 168 -19.98 -4.02 16.65
N VAL B 169 -20.50 -3.72 15.46
CA VAL B 169 -20.82 -4.74 14.47
C VAL B 169 -19.95 -4.49 13.26
N THR B 170 -19.36 -5.56 12.73
CA THR B 170 -18.56 -5.54 11.51
C THR B 170 -19.30 -6.22 10.35
N VAL B 171 -19.25 -5.63 9.16
CA VAL B 171 -19.87 -6.23 7.97
C VAL B 171 -18.93 -6.30 6.77
N SER B 172 -18.84 -7.48 6.19
CA SER B 172 -18.16 -7.64 4.92
C SER B 172 -19.14 -8.28 3.93
N TRP B 173 -18.78 -8.27 2.65
CA TRP B 173 -19.61 -8.91 1.63
C TRP B 173 -18.79 -9.95 0.90
N ASN B 174 -19.38 -11.15 0.73
CA ASN B 174 -18.71 -12.25 0.04
C ASN B 174 -17.30 -12.47 0.61
N SER B 175 -17.23 -12.47 1.94
CA SER B 175 -16.00 -12.71 2.69
C SER B 175 -14.88 -11.74 2.31
N GLY B 176 -15.27 -10.52 1.93
CA GLY B 176 -14.32 -9.46 1.61
C GLY B 176 -13.89 -9.40 0.15
N ALA B 177 -14.36 -10.33 -0.67
CA ALA B 177 -14.04 -10.29 -2.10
C ALA B 177 -14.78 -9.13 -2.75
N LEU B 178 -15.95 -8.82 -2.23
CA LEU B 178 -16.77 -7.74 -2.75
C LEU B 178 -16.48 -6.52 -1.92
N THR B 179 -15.84 -5.53 -2.53
CA THR B 179 -15.51 -4.32 -1.81
C THR B 179 -16.05 -3.07 -2.47
N SER B 180 -16.11 -3.06 -3.79
CA SER B 180 -16.53 -1.87 -4.50
C SER B 180 -18.05 -1.76 -4.55
N GLY B 181 -18.54 -0.58 -4.25
CA GLY B 181 -19.96 -0.34 -4.14
C GLY B 181 -20.54 -0.66 -2.79
N VAL B 182 -19.69 -1.02 -1.83
CA VAL B 182 -20.16 -1.32 -0.49
C VAL B 182 -20.23 -0.07 0.39
N HIS B 183 -21.41 0.23 0.91
CA HIS B 183 -21.53 1.27 1.91
C HIS B 183 -22.21 0.74 3.16
N THR B 184 -21.52 0.83 4.28
CA THR B 184 -22.08 0.39 5.53
C THR B 184 -22.33 1.63 6.35
N PHE B 185 -23.58 1.82 6.71
CA PHE B 185 -24.00 3.00 7.43
C PHE B 185 -23.71 2.90 8.92
N PRO B 186 -23.25 3.99 9.51
CA PRO B 186 -23.13 4.06 10.98
C PRO B 186 -24.44 3.66 11.64
N ALA B 187 -24.37 2.95 12.75
CA ALA B 187 -25.57 2.48 13.44
C ALA B 187 -26.36 3.62 14.05
N VAL B 188 -27.66 3.40 14.24
CA VAL B 188 -28.49 4.30 15.05
C VAL B 188 -28.64 3.72 16.47
N LEU B 189 -28.60 4.59 17.46
CA LEU B 189 -28.93 4.19 18.83
C LEU B 189 -30.40 4.46 19.08
N GLN B 190 -31.20 3.41 19.18
CA GLN B 190 -32.64 3.55 19.29
C GLN B 190 -33.07 3.97 20.70
N SER B 191 -34.32 4.41 20.84
CA SER B 191 -34.86 4.84 22.12
C SER B 191 -34.83 3.68 23.12
N SER B 192 -34.92 2.47 22.59
CA SER B 192 -34.81 1.26 23.38
C SER B 192 -33.42 1.00 24.02
N GLY B 193 -32.39 1.68 23.52
CA GLY B 193 -31.03 1.47 24.01
C GLY B 193 -30.29 0.41 23.20
N LEU B 194 -30.97 -0.12 22.19
CA LEU B 194 -30.39 -1.09 21.26
C LEU B 194 -29.92 -0.39 19.98
N TYR B 195 -28.92 -0.97 19.31
CA TYR B 195 -28.42 -0.43 18.04
C TYR B 195 -29.00 -1.16 16.85
N SER B 196 -29.10 -0.44 15.72
CA SER B 196 -29.37 -1.03 14.42
C SER B 196 -28.50 -0.42 13.33
N LEU B 197 -28.08 -1.22 12.35
CA LEU B 197 -27.41 -0.63 11.19
C LEU B 197 -27.80 -1.33 9.89
N SER B 198 -27.42 -0.70 8.77
CA SER B 198 -27.63 -1.28 7.46
C SER B 198 -26.36 -1.22 6.64
N SER B 199 -26.16 -2.23 5.83
CA SER B 199 -25.06 -2.22 4.89
C SER B 199 -25.67 -2.51 3.53
N VAL B 200 -25.35 -1.68 2.54
CA VAL B 200 -25.83 -1.88 1.17
C VAL B 200 -24.69 -1.96 0.18
N VAL B 201 -24.91 -2.66 -0.93
CA VAL B 201 -23.93 -2.64 -2.00
C VAL B 201 -24.63 -2.28 -3.32
N THR B 202 -24.01 -1.39 -4.07
CA THR B 202 -24.53 -1.00 -5.39
C THR B 202 -23.88 -1.88 -6.43
N VAL B 203 -24.73 -2.48 -7.25
CA VAL B 203 -24.33 -3.58 -8.09
C VAL B 203 -24.95 -3.47 -9.50
N PRO B 204 -24.24 -3.94 -10.55
CA PRO B 204 -24.88 -3.99 -11.86
C PRO B 204 -26.10 -4.91 -11.86
N SER B 205 -27.23 -4.43 -12.37
CA SER B 205 -28.47 -5.19 -12.39
C SER B 205 -28.33 -6.48 -13.17
N SER B 206 -27.46 -6.44 -14.18
CA SER B 206 -27.21 -7.60 -15.03
C SER B 206 -26.66 -8.75 -14.21
N SER B 207 -25.91 -8.41 -13.17
CA SER B 207 -25.28 -9.39 -12.30
C SER B 207 -26.29 -10.17 -11.44
N LEU B 208 -27.49 -9.64 -11.28
CA LEU B 208 -28.39 -10.16 -10.27
C LEU B 208 -28.73 -11.62 -10.51
N GLY B 209 -28.94 -11.99 -11.76
CA GLY B 209 -29.16 -13.37 -12.11
C GLY B 209 -27.99 -14.31 -11.90
N THR B 210 -26.79 -13.84 -12.23
CA THR B 210 -25.61 -14.68 -12.22
C THR B 210 -24.62 -14.56 -11.04
N GLN B 211 -24.79 -13.58 -10.17
CA GLN B 211 -23.87 -13.39 -9.05
C GLN B 211 -24.55 -13.57 -7.70
N THR B 212 -23.92 -14.30 -6.79
CA THR B 212 -24.48 -14.45 -5.46
C THR B 212 -23.91 -13.43 -4.48
N TYR B 213 -24.78 -12.91 -3.64
CA TYR B 213 -24.42 -11.88 -2.69
C TYR B 213 -24.71 -12.29 -1.26
N ILE B 214 -23.68 -12.28 -0.43
CA ILE B 214 -23.79 -12.64 0.98
C ILE B 214 -23.21 -11.57 1.89
N CYS B 215 -23.97 -11.15 2.90
CA CYS B 215 -23.37 -10.23 3.86
C CYS B 215 -22.86 -11.03 5.06
N ASN B 216 -21.63 -10.74 5.48
CA ASN B 216 -21.02 -11.39 6.64
C ASN B 216 -21.08 -10.42 7.80
N VAL B 217 -21.93 -10.73 8.77
CA VAL B 217 -22.11 -9.85 9.91
C VAL B 217 -21.43 -10.46 11.15
N ASN B 218 -20.58 -9.68 11.82
CA ASN B 218 -19.85 -10.16 12.99
C ASN B 218 -20.12 -9.28 14.20
N HIS B 219 -20.64 -9.89 15.26
CA HIS B 219 -20.86 -9.18 16.51
C HIS B 219 -20.10 -9.92 17.59
N LYS B 220 -18.84 -9.52 17.74
CA LYS B 220 -17.90 -10.18 18.65
C LYS B 220 -18.40 -10.23 20.11
N PRO B 221 -19.04 -9.15 20.62
CA PRO B 221 -19.51 -9.20 22.02
C PRO B 221 -20.47 -10.33 22.33
N SER B 222 -21.26 -10.77 21.36
CA SER B 222 -22.13 -11.94 21.58
C SER B 222 -21.55 -13.22 20.93
N ASN B 223 -20.33 -13.12 20.40
CA ASN B 223 -19.65 -14.26 19.75
C ASN B 223 -20.50 -14.90 18.66
N THR B 224 -21.20 -14.05 17.92
CA THR B 224 -22.06 -14.50 16.84
C THR B 224 -21.59 -13.93 15.51
N LYS B 225 -21.68 -14.76 14.49
CA LYS B 225 -21.42 -14.35 13.13
C LYS B 225 -22.59 -14.87 12.33
N VAL B 226 -23.10 -14.03 11.42
CA VAL B 226 -24.15 -14.46 10.51
C VAL B 226 -23.72 -14.17 9.05
N ASP B 227 -23.86 -15.18 8.20
CA ASP B 227 -23.73 -14.98 6.78
C ASP B 227 -25.13 -15.06 6.19
N LYS B 228 -25.60 -13.96 5.63
CA LYS B 228 -26.94 -13.93 5.05
C LYS B 228 -26.91 -13.76 3.54
N LYS B 229 -27.53 -14.70 2.86
CA LYS B 229 -27.66 -14.69 1.43
C LYS B 229 -28.76 -13.69 1.05
N VAL B 230 -28.45 -12.77 0.15
CA VAL B 230 -29.44 -11.79 -0.25
C VAL B 230 -29.85 -12.00 -1.70
N GLU B 231 -31.12 -12.30 -1.94
CA GLU B 231 -31.59 -12.65 -3.29
C GLU B 231 -32.69 -11.73 -3.79
N PRO B 232 -32.82 -11.59 -5.11
CA PRO B 232 -33.84 -10.69 -5.65
C PRO B 232 -35.25 -11.14 -5.30
N LYS B 233 -36.20 -10.21 -5.39
CA LYS B 233 -37.64 -10.42 -5.14
C LYS B 233 -37.93 -10.36 -3.65
N LEU C 4 31.83 6.97 -1.47
CA LEU C 4 31.17 6.03 -0.58
C LEU C 4 31.38 4.58 -1.05
N THR C 5 31.89 3.75 -0.17
CA THR C 5 32.10 2.35 -0.49
C THR C 5 31.56 1.45 0.61
N GLN C 6 31.27 0.22 0.22
CA GLN C 6 30.74 -0.76 1.13
C GLN C 6 31.36 -2.08 0.80
N PRO C 7 31.31 -3.07 1.80
CA PRO C 7 31.90 -4.35 1.37
C PRO C 7 31.10 -4.89 0.20
N SER C 8 31.79 -5.43 -0.80
CA SER C 8 31.12 -5.86 -2.01
C SER C 8 30.11 -6.99 -1.83
N GLN C 9 30.46 -7.99 -1.02
CA GLN C 9 29.65 -9.20 -0.90
C GLN C 9 29.42 -9.68 0.52
N LEU C 10 28.24 -10.22 0.76
CA LEU C 10 27.94 -10.95 1.98
C LEU C 10 27.18 -12.22 1.65
N SER C 11 27.59 -13.35 2.20
CA SER C 11 26.88 -14.60 1.99
C SER C 11 26.46 -15.23 3.31
N VAL C 12 25.17 -15.56 3.40
CA VAL C 12 24.58 -15.99 4.65
C VAL C 12 23.61 -17.16 4.45
N ALA C 13 23.48 -17.99 5.48
CA ALA C 13 22.46 -19.03 5.53
C ALA C 13 21.12 -18.49 6.01
N PRO C 14 19.99 -19.20 5.56
CA PRO C 14 18.72 -18.62 6.03
C PRO C 14 18.58 -18.60 7.56
N GLY C 15 17.94 -17.57 8.09
CA GLY C 15 17.70 -17.48 9.51
C GLY C 15 18.84 -16.81 10.28
N GLU C 16 20.00 -16.62 9.67
CA GLU C 16 21.01 -15.98 10.49
C GLU C 16 21.04 -14.47 10.24
N THR C 17 21.90 -13.77 10.95
CA THR C 17 21.89 -12.31 10.95
C THR C 17 22.91 -11.71 9.99
N ALA C 18 22.46 -10.90 9.04
CA ALA C 18 23.34 -10.19 8.13
C ALA C 18 23.67 -8.80 8.68
N ARG C 19 24.93 -8.40 8.56
CA ARG C 19 25.36 -7.06 8.96
C ARG C 19 26.12 -6.41 7.82
N ILE C 20 25.57 -5.34 7.31
CA ILE C 20 26.13 -4.65 6.16
C ILE C 20 26.60 -3.26 6.53
N SER C 21 27.81 -2.94 6.11
CA SER C 21 28.51 -1.73 6.48
C SER C 21 28.49 -0.65 5.40
N CYS C 22 28.29 0.60 5.82
CA CYS C 22 28.33 1.74 4.91
C CYS C 22 29.76 2.25 4.72
N GLY C 23 29.97 3.19 3.83
CA GLY C 23 31.34 3.54 3.51
C GLY C 23 32.23 4.09 4.60
N GLY C 24 31.73 5.04 5.37
CA GLY C 24 32.58 5.76 6.28
C GLY C 24 32.03 5.91 7.69
N ARG C 25 32.94 6.21 8.61
CA ARG C 25 32.59 6.59 9.97
C ARG C 25 31.83 7.92 10.00
N SER C 26 32.27 8.85 9.17
CA SER C 26 31.73 10.19 9.05
C SER C 26 32.46 11.11 10.01
N LEU C 27 32.83 12.28 9.50
CA LEU C 27 33.43 13.31 10.33
C LEU C 27 32.49 13.92 11.37
N GLY C 28 31.24 14.11 10.99
CA GLY C 28 30.27 14.82 11.82
C GLY C 28 29.09 13.99 12.26
N SER C 29 27.94 14.63 12.39
CA SER C 29 26.69 13.91 12.63
C SER C 29 26.12 13.41 11.33
N ARG C 30 25.49 12.25 11.36
CA ARG C 30 25.07 11.66 10.10
C ARG C 30 23.58 11.28 10.08
N ALA C 31 23.03 11.28 8.88
CA ALA C 31 21.71 10.71 8.64
C ALA C 31 21.84 9.76 7.44
N VAL C 32 21.76 8.47 7.73
CA VAL C 32 22.00 7.49 6.70
C VAL C 32 20.70 6.82 6.25
N GLN C 33 20.56 6.72 4.94
CA GLN C 33 19.46 5.98 4.30
C GLN C 33 19.98 4.69 3.68
N TRP C 34 19.19 3.63 3.76
CA TRP C 34 19.54 2.38 3.13
C TRP C 34 18.50 1.98 2.12
N TYR C 35 18.97 1.56 0.95
CA TYR C 35 18.13 1.17 -0.16
C TYR C 35 18.41 -0.27 -0.55
N GLN C 36 17.34 -0.98 -0.85
CA GLN C 36 17.37 -2.38 -1.22
C GLN C 36 16.97 -2.56 -2.69
N GLN C 37 17.80 -3.24 -3.46
CA GLN C 37 17.40 -3.58 -4.82
C GLN C 37 17.52 -5.08 -5.11
N LYS C 38 16.38 -5.74 -5.24
CA LYS C 38 16.35 -7.18 -5.52
C LYS C 38 16.55 -7.40 -7.03
N PRO C 39 16.99 -8.60 -7.44
CA PRO C 39 17.22 -8.89 -8.87
C PRO C 39 16.00 -8.53 -9.72
N GLY C 40 16.21 -7.74 -10.76
CA GLY C 40 15.15 -7.34 -11.66
C GLY C 40 14.12 -6.39 -11.09
N GLN C 41 14.44 -5.69 -10.01
CA GLN C 41 13.48 -4.76 -9.42
C GLN C 41 14.08 -3.38 -9.22
N ALA C 42 13.21 -2.40 -9.00
CA ALA C 42 13.61 -1.04 -8.63
C ALA C 42 14.00 -1.01 -7.16
N PRO C 43 14.90 -0.07 -6.80
CA PRO C 43 15.31 0.07 -5.42
C PRO C 43 14.12 0.41 -4.53
N VAL C 44 14.26 0.00 -3.28
CA VAL C 44 13.25 0.15 -2.24
C VAL C 44 13.91 0.79 -1.01
N LEU C 45 13.31 1.82 -0.43
CA LEU C 45 13.83 2.39 0.83
C LEU C 45 13.59 1.47 2.02
N VAL C 46 14.64 1.12 2.72
CA VAL C 46 14.48 0.21 3.84
C VAL C 46 14.70 0.92 5.20
N ILE C 47 15.57 1.91 5.23
CA ILE C 47 15.89 2.65 6.45
C ILE C 47 16.09 4.10 6.08
N TYR C 48 15.68 5.02 6.94
CA TYR C 48 16.07 6.41 6.76
C TYR C 48 16.37 7.02 8.11
N ASN C 49 17.13 8.11 8.10
CA ASN C 49 17.51 8.72 9.36
C ASN C 49 18.16 7.70 10.31
N ASN C 50 19.09 6.91 9.78
CA ASN C 50 19.87 5.94 10.54
C ASN C 50 19.01 4.71 10.91
N GLN C 51 17.87 4.93 11.56
CA GLN C 51 17.18 3.82 12.20
C GLN C 51 15.69 3.70 11.91
N ASP C 52 15.11 4.66 11.21
CA ASP C 52 13.66 4.63 11.00
C ASP C 52 13.29 3.76 9.80
N ARG C 53 12.24 2.96 9.96
CA ARG C 53 11.72 2.12 8.89
C ARG C 53 10.48 2.76 8.28
N PRO C 54 10.43 2.82 6.95
CA PRO C 54 9.25 3.24 6.19
C PRO C 54 8.10 2.24 6.35
N SER C 55 6.88 2.63 6.02
CA SER C 55 5.74 1.71 6.06
C SER C 55 5.98 0.49 5.21
N GLY C 56 5.61 -0.69 5.70
CA GLY C 56 5.71 -1.88 4.88
C GLY C 56 7.05 -2.61 5.00
N ILE C 57 8.05 -1.96 5.58
CA ILE C 57 9.33 -2.64 5.75
C ILE C 57 9.34 -3.44 7.05
N PRO C 58 9.68 -4.74 6.96
CA PRO C 58 9.79 -5.57 8.18
C PRO C 58 10.77 -5.00 9.22
N GLU C 59 10.45 -5.19 10.51
CA GLU C 59 11.32 -4.79 11.60
C GLU C 59 12.60 -5.61 11.65
N ARG C 60 12.65 -6.71 10.89
CA ARG C 60 13.88 -7.49 10.73
C ARG C 60 15.03 -6.61 10.20
N PHE C 61 14.67 -5.55 9.47
CA PHE C 61 15.65 -4.60 8.96
C PHE C 61 15.86 -3.51 10.00
N SER C 62 17.09 -3.35 10.47
CA SER C 62 17.34 -2.29 11.44
C SER C 62 18.65 -1.54 11.18
N GLY C 63 18.69 -0.27 11.53
CA GLY C 63 19.92 0.47 11.32
C GLY C 63 20.55 0.83 12.63
N SER C 64 21.80 1.27 12.60
CA SER C 64 22.48 1.65 13.81
C SER C 64 22.30 3.14 14.06
N PRO C 65 22.10 3.50 15.33
CA PRO C 65 21.97 4.91 15.71
C PRO C 65 23.27 5.66 15.51
N ASP C 66 23.20 6.98 15.34
CA ASP C 66 24.40 7.80 15.27
C ASP C 66 24.80 8.12 16.71
N SER C 67 25.02 7.08 17.49
CA SER C 67 25.34 7.18 18.92
C SER C 67 26.67 7.81 19.26
N ASN C 68 27.70 7.50 18.49
CA ASN C 68 29.05 7.88 18.85
C ASN C 68 29.84 8.39 17.66
N PHE C 69 30.88 9.16 17.95
CA PHE C 69 31.75 9.70 16.92
C PHE C 69 32.49 8.64 16.12
N GLY C 70 32.95 7.59 16.80
CA GLY C 70 33.76 6.56 16.17
C GLY C 70 33.06 5.75 15.09
N THR C 71 31.75 5.70 15.17
CA THR C 71 30.90 4.70 14.54
C THR C 71 30.85 4.60 13.02
N THR C 72 30.64 3.37 12.56
CA THR C 72 30.41 3.09 11.16
C THR C 72 28.95 2.71 10.98
N ALA C 73 28.28 3.33 10.04
CA ALA C 73 26.86 3.04 9.80
C ALA C 73 26.61 1.59 9.37
N THR C 74 25.66 0.94 10.03
CA THR C 74 25.41 -0.49 9.83
C THR C 74 23.93 -0.80 9.59
N LEU C 75 23.65 -1.60 8.56
CA LEU C 75 22.34 -2.18 8.36
C LEU C 75 22.32 -3.61 8.88
N THR C 76 21.41 -3.93 9.79
CA THR C 76 21.33 -5.28 10.33
C THR C 76 20.05 -5.95 9.82
N ILE C 77 20.16 -7.16 9.27
CA ILE C 77 18.98 -7.91 8.88
C ILE C 77 18.96 -9.22 9.67
N SER C 78 17.99 -9.34 10.57
CA SER C 78 17.88 -10.57 11.33
C SER C 78 16.96 -11.55 10.63
N ARG C 79 17.15 -12.84 10.91
CA ARG C 79 16.34 -13.91 10.36
C ARG C 79 16.27 -13.83 8.84
N VAL C 80 17.43 -13.73 8.20
CA VAL C 80 17.46 -13.50 6.77
C VAL C 80 16.71 -14.59 6.02
N GLU C 81 15.98 -14.18 4.99
CA GLU C 81 15.27 -15.11 4.08
C GLU C 81 15.81 -14.97 2.67
N ALA C 82 15.51 -15.97 1.83
CA ALA C 82 15.88 -15.94 0.42
C ALA C 82 15.36 -14.68 -0.25
N GLY C 83 14.16 -14.26 0.13
CA GLY C 83 13.56 -13.07 -0.44
C GLY C 83 14.37 -11.79 -0.16
N ASP C 84 15.30 -11.83 0.80
CA ASP C 84 16.12 -10.66 1.14
C ASP C 84 17.33 -10.44 0.21
N GLU C 85 17.66 -11.45 -0.60
CA GLU C 85 18.80 -11.36 -1.52
C GLU C 85 18.68 -10.11 -2.38
N ALA C 86 19.70 -9.27 -2.36
CA ALA C 86 19.61 -7.97 -3.03
C ALA C 86 20.93 -7.24 -3.02
N ASP C 87 21.00 -6.17 -3.80
CA ASP C 87 22.07 -5.23 -3.59
C ASP C 87 21.58 -4.19 -2.59
N TYR C 88 22.37 -3.94 -1.56
CA TYR C 88 22.06 -2.94 -0.54
C TYR C 88 22.99 -1.75 -0.70
N TYR C 89 22.39 -0.58 -0.93
CA TYR C 89 23.10 0.70 -1.07
C TYR C 89 22.81 1.63 0.10
N CYS C 90 23.83 2.34 0.58
CA CYS C 90 23.62 3.39 1.57
C CYS C 90 23.70 4.78 0.91
N HIS C 91 22.99 5.74 1.48
CA HIS C 91 23.08 7.12 1.02
C HIS C 91 23.43 7.94 2.23
N MET C 92 24.66 8.43 2.22
CA MET C 92 25.25 9.04 3.41
C MET C 92 25.10 10.54 3.44
N TRP C 93 24.57 11.05 4.55
CA TRP C 93 24.49 12.48 4.75
C TRP C 93 25.24 12.79 6.02
N ASP C 94 26.12 13.77 5.96
CA ASP C 94 26.94 14.09 7.12
C ASP C 94 27.09 15.59 7.27
N SER C 95 27.09 16.08 8.51
CA SER C 95 27.15 17.53 8.75
C SER C 95 28.42 18.16 8.19
N ARG C 96 29.52 17.41 8.16
CA ARG C 96 30.78 17.96 7.62
C ARG C 96 30.99 17.77 6.11
N SER C 97 29.98 17.29 5.38
CA SER C 97 30.16 16.94 3.96
C SER C 97 29.15 17.59 3.03
N ALA C 98 29.55 17.83 1.79
CA ALA C 98 28.59 18.28 0.80
C ALA C 98 27.69 17.09 0.46
N ILE C 99 26.60 17.37 -0.23
CA ILE C 99 25.66 16.34 -0.63
C ILE C 99 26.36 15.23 -1.44
N ASN C 100 26.06 13.98 -1.14
CA ASN C 100 26.48 12.90 -2.02
C ASN C 100 25.40 12.70 -3.07
N TRP C 101 25.77 12.92 -4.32
CA TRP C 101 24.86 12.75 -5.44
C TRP C 101 24.88 11.33 -6.00
N VAL C 102 25.87 10.56 -5.57
CA VAL C 102 25.99 9.16 -5.96
C VAL C 102 25.81 8.33 -4.68
N PHE C 103 25.05 7.24 -4.73
CA PHE C 103 24.89 6.37 -3.55
C PHE C 103 26.17 5.57 -3.29
N GLY C 104 26.34 5.10 -2.04
CA GLY C 104 27.47 4.24 -1.71
C GLY C 104 27.43 2.99 -2.57
N GLY C 105 28.59 2.38 -2.75
CA GLY C 105 28.81 1.35 -3.76
C GLY C 105 27.96 0.09 -3.76
N GLY C 106 27.51 -0.35 -2.59
CA GLY C 106 26.61 -1.49 -2.53
C GLY C 106 27.20 -2.84 -2.13
N THR C 107 26.53 -3.50 -1.20
CA THR C 107 26.88 -4.84 -0.76
C THR C 107 25.89 -5.83 -1.37
N LYS C 108 26.38 -6.83 -2.10
CA LYS C 108 25.49 -7.87 -2.62
C LYS C 108 25.25 -8.97 -1.58
N LEU C 109 24.00 -9.14 -1.19
CA LEU C 109 23.67 -10.15 -0.19
C LEU C 109 23.16 -11.42 -0.87
N THR C 110 23.89 -12.51 -0.69
CA THR C 110 23.51 -13.82 -1.14
C THR C 110 23.04 -14.70 0.01
N VAL C 111 22.00 -15.48 -0.21
CA VAL C 111 21.53 -16.42 0.78
C VAL C 111 21.79 -17.87 0.36
N LEU C 112 22.74 -18.52 1.00
CA LEU C 112 23.15 -19.85 0.64
C LEU C 112 22.53 -20.95 1.47
N GLY C 113 22.63 -22.17 0.97
CA GLY C 113 22.26 -23.39 1.67
C GLY C 113 20.74 -23.61 1.72
N GLN C 114 20.03 -22.92 0.86
CA GLN C 114 18.60 -23.17 0.69
C GLN C 114 18.42 -24.58 0.12
N PRO C 115 17.23 -25.18 0.29
CA PRO C 115 17.05 -26.52 -0.27
C PRO C 115 17.17 -26.52 -1.79
N LYS C 116 17.80 -27.55 -2.34
CA LYS C 116 18.00 -27.67 -3.78
C LYS C 116 16.70 -27.93 -4.54
N ALA C 117 16.67 -27.46 -5.78
CA ALA C 117 15.53 -27.72 -6.65
C ALA C 117 16.03 -27.98 -8.07
N ALA C 118 15.59 -29.10 -8.64
CA ALA C 118 15.99 -29.52 -9.99
C ALA C 118 15.31 -28.64 -11.05
N PRO C 119 15.97 -28.43 -12.20
CA PRO C 119 15.35 -27.53 -13.19
C PRO C 119 14.16 -28.16 -13.92
N SER C 120 13.17 -27.34 -14.24
CA SER C 120 12.18 -27.73 -15.22
C SER C 120 12.69 -27.29 -16.59
N VAL C 121 12.71 -28.20 -17.55
CA VAL C 121 13.22 -27.92 -18.90
C VAL C 121 12.12 -28.10 -19.94
N THR C 122 11.89 -27.06 -20.73
CA THR C 122 10.97 -27.14 -21.86
C THR C 122 11.73 -26.78 -23.14
N LEU C 123 11.67 -27.66 -24.12
CA LEU C 123 12.39 -27.45 -25.37
C LEU C 123 11.42 -27.34 -26.54
N PHE C 124 11.45 -26.21 -27.24
CA PHE C 124 10.59 -26.02 -28.41
C PHE C 124 11.38 -26.15 -29.70
N PRO C 125 10.83 -26.87 -30.70
CA PRO C 125 11.43 -26.90 -32.05
C PRO C 125 11.13 -25.59 -32.81
N PRO C 126 11.79 -25.36 -33.96
CA PRO C 126 11.43 -24.18 -34.77
C PRO C 126 9.97 -24.19 -35.19
N SER C 127 9.31 -23.06 -35.17
CA SER C 127 7.95 -23.02 -35.67
C SER C 127 7.94 -23.24 -37.18
N SER C 128 6.84 -23.75 -37.70
CA SER C 128 6.72 -23.89 -39.15
C SER C 128 6.80 -22.50 -39.79
N GLU C 129 6.22 -21.51 -39.13
CA GLU C 129 6.27 -20.16 -39.64
C GLU C 129 7.69 -19.64 -39.79
N GLU C 130 8.53 -19.88 -38.79
CA GLU C 130 9.93 -19.50 -38.88
C GLU C 130 10.68 -20.25 -39.96
N LEU C 131 10.39 -21.54 -40.08
CA LEU C 131 10.99 -22.40 -41.11
C LEU C 131 10.57 -21.93 -42.51
N GLN C 132 9.30 -21.58 -42.68
CA GLN C 132 8.85 -21.05 -43.97
C GLN C 132 9.56 -19.73 -44.29
N ALA C 133 10.02 -19.02 -43.26
CA ALA C 133 10.75 -17.78 -43.47
C ALA C 133 12.24 -18.06 -43.60
N ASN C 134 12.59 -19.32 -43.79
CA ASN C 134 13.96 -19.74 -44.03
C ASN C 134 14.89 -19.54 -42.82
N LYS C 135 14.32 -19.63 -41.62
CA LYS C 135 15.12 -19.56 -40.41
C LYS C 135 14.73 -20.72 -39.48
N ALA C 136 15.58 -20.97 -38.49
CA ALA C 136 15.29 -22.01 -37.52
C ALA C 136 15.96 -21.72 -36.20
N THR C 137 15.17 -21.71 -35.13
CA THR C 137 15.72 -21.49 -33.81
C THR C 137 15.12 -22.50 -32.84
N LEU C 138 15.97 -23.23 -32.14
N LEU C 138 15.97 -23.24 -32.15
CA LEU C 138 15.51 -24.10 -31.06
CA LEU C 138 15.54 -24.11 -31.08
C LEU C 138 15.56 -23.34 -29.75
C LEU C 138 15.55 -23.30 -29.77
N VAL C 139 14.55 -23.53 -28.91
CA VAL C 139 14.40 -22.76 -27.69
C VAL C 139 14.33 -23.64 -26.45
N CYS C 140 15.34 -23.51 -25.59
CA CYS C 140 15.39 -24.28 -24.36
C CYS C 140 15.15 -23.37 -23.17
N LEU C 141 14.00 -23.53 -22.51
CA LEU C 141 13.63 -22.72 -21.35
C LEU C 141 13.80 -23.53 -20.07
N ILE C 142 14.47 -22.96 -19.09
CA ILE C 142 14.89 -23.68 -17.89
C ILE C 142 14.43 -22.91 -16.67
N SER C 143 13.66 -23.54 -15.78
CA SER C 143 13.09 -22.75 -14.69
C SER C 143 13.08 -23.50 -13.37
N ASP C 144 12.78 -22.76 -12.30
CA ASP C 144 12.59 -23.35 -10.97
C ASP C 144 13.78 -24.12 -10.42
N PHE C 145 15.00 -23.70 -10.71
CA PHE C 145 16.11 -24.40 -10.12
C PHE C 145 16.82 -23.57 -9.05
N TYR C 146 17.37 -24.27 -8.06
CA TYR C 146 18.24 -23.69 -7.06
C TYR C 146 19.25 -24.76 -6.59
N PRO C 147 20.60 -24.44 -6.35
CA PRO C 147 20.97 -23.03 -6.56
C PRO C 147 21.07 -22.60 -8.02
N GLY C 148 21.20 -21.31 -8.28
CA GLY C 148 21.14 -20.81 -9.65
C GLY C 148 22.42 -20.85 -10.46
N ALA C 149 22.98 -22.05 -10.61
CA ALA C 149 24.09 -22.29 -11.52
C ALA C 149 23.75 -23.49 -12.38
N VAL C 150 23.91 -23.35 -13.69
CA VAL C 150 23.53 -24.39 -14.60
C VAL C 150 24.48 -24.39 -15.78
N THR C 151 24.67 -25.57 -16.37
CA THR C 151 25.44 -25.73 -17.59
C THR C 151 24.53 -26.29 -18.68
N VAL C 152 24.57 -25.68 -19.86
CA VAL C 152 23.74 -26.12 -20.98
C VAL C 152 24.59 -26.54 -22.16
N ALA C 153 24.36 -27.76 -22.65
CA ALA C 153 25.03 -28.25 -23.84
C ALA C 153 23.97 -28.65 -24.87
N TRP C 154 24.31 -28.49 -26.16
CA TRP C 154 23.39 -28.89 -27.21
C TRP C 154 23.99 -30.03 -28.02
N LYS C 155 23.15 -30.93 -28.48
CA LYS C 155 23.57 -32.04 -29.32
C LYS C 155 22.72 -32.11 -30.58
N ALA C 156 23.35 -32.40 -31.69
CA ALA C 156 22.63 -32.72 -32.89
C ALA C 156 22.85 -34.20 -32.99
N ASP C 157 21.78 -34.98 -32.90
CA ASP C 157 21.94 -36.40 -32.76
C ASP C 157 22.79 -36.64 -31.51
N SER C 158 23.90 -37.35 -31.63
CA SER C 158 24.80 -37.56 -30.50
C SER C 158 26.06 -36.67 -30.44
N SER C 159 26.23 -35.76 -31.38
CA SER C 159 27.44 -34.96 -31.45
C SER C 159 27.23 -33.56 -30.91
N PRO C 160 28.23 -33.04 -30.19
CA PRO C 160 28.19 -31.69 -29.60
C PRO C 160 28.05 -30.56 -30.62
N VAL C 161 27.25 -29.57 -30.27
CA VAL C 161 27.11 -28.39 -31.10
C VAL C 161 27.75 -27.19 -30.44
N LYS C 162 28.77 -26.61 -31.08
CA LYS C 162 29.41 -25.42 -30.54
C LYS C 162 28.77 -24.13 -31.07
N ALA C 163 28.63 -24.00 -32.38
CA ALA C 163 28.27 -22.70 -32.95
C ALA C 163 26.77 -22.45 -32.95
N GLY C 164 26.38 -21.18 -32.86
CA GLY C 164 24.99 -20.80 -32.92
C GLY C 164 24.24 -20.96 -31.61
N VAL C 165 24.97 -21.13 -30.51
CA VAL C 165 24.37 -21.28 -29.19
C VAL C 165 24.43 -19.95 -28.41
N GLU C 166 23.30 -19.49 -27.90
CA GLU C 166 23.26 -18.30 -27.06
C GLU C 166 22.49 -18.61 -25.79
N THR C 167 23.14 -18.39 -24.66
CA THR C 167 22.60 -18.79 -23.35
C THR C 167 22.63 -17.63 -22.36
N THR C 168 21.52 -17.39 -21.65
CA THR C 168 21.51 -16.33 -20.65
C THR C 168 22.17 -16.79 -19.35
N THR C 169 22.59 -15.83 -18.55
CA THR C 169 23.00 -16.06 -17.18
C THR C 169 21.73 -16.25 -16.34
N PRO C 170 21.80 -17.08 -15.28
CA PRO C 170 20.56 -17.31 -14.54
C PRO C 170 20.06 -16.05 -13.88
N SER C 171 18.74 -15.89 -13.83
CA SER C 171 18.14 -14.74 -13.16
C SER C 171 17.11 -15.23 -12.17
N LYS C 172 17.03 -14.55 -11.04
CA LYS C 172 16.15 -14.96 -9.95
C LYS C 172 14.66 -14.70 -10.25
N GLN C 173 13.83 -15.67 -9.91
CA GLN C 173 12.37 -15.54 -10.04
C GLN C 173 11.79 -15.05 -8.73
N SER C 174 10.53 -14.62 -8.78
CA SER C 174 9.83 -14.15 -7.59
C SER C 174 9.57 -15.25 -6.55
N ASN C 175 9.68 -16.52 -6.93
CA ASN C 175 9.58 -17.60 -5.94
C ASN C 175 10.95 -18.02 -5.36
N ASN C 176 11.95 -17.20 -5.62
CA ASN C 176 13.32 -17.35 -5.14
C ASN C 176 14.09 -18.49 -5.81
N LYS C 177 13.52 -19.09 -6.85
CA LYS C 177 14.30 -20.01 -7.67
C LYS C 177 14.79 -19.27 -8.92
N TYR C 178 15.55 -19.95 -9.76
CA TYR C 178 16.21 -19.29 -10.87
C TYR C 178 15.72 -19.81 -12.22
N ALA C 179 15.92 -18.98 -13.24
CA ALA C 179 15.54 -19.31 -14.60
C ALA C 179 16.65 -18.93 -15.56
N ALA C 180 16.68 -19.62 -16.69
CA ALA C 180 17.60 -19.28 -17.75
C ALA C 180 17.04 -19.81 -19.05
N SER C 181 17.61 -19.35 -20.16
CA SER C 181 17.16 -19.78 -21.46
C SER C 181 18.37 -19.98 -22.35
N SER C 182 18.25 -20.90 -23.30
CA SER C 182 19.28 -21.16 -24.27
C SER C 182 18.68 -21.27 -25.66
N TYR C 183 19.36 -20.69 -26.65
CA TYR C 183 18.89 -20.71 -28.03
C TYR C 183 19.93 -21.34 -28.97
N LEU C 184 19.46 -22.22 -29.84
CA LEU C 184 20.32 -22.74 -30.88
C LEU C 184 19.82 -22.28 -32.24
N SER C 185 20.59 -21.45 -32.94
CA SER C 185 20.18 -20.97 -34.25
C SER C 185 20.73 -21.86 -35.34
N LEU C 186 19.84 -22.30 -36.23
CA LEU C 186 20.15 -23.27 -37.30
C LEU C 186 19.63 -22.79 -38.66
N THR C 187 20.17 -23.37 -39.73
CA THR C 187 19.57 -23.29 -41.06
CA THR C 187 19.58 -23.36 -41.00
C THR C 187 18.45 -24.34 -41.11
N PRO C 188 17.39 -24.09 -41.89
CA PRO C 188 16.36 -25.13 -41.99
C PRO C 188 16.86 -26.49 -42.51
N GLU C 189 17.89 -26.48 -43.37
CA GLU C 189 18.45 -27.75 -43.83
C GLU C 189 19.27 -28.41 -42.73
N GLN C 190 19.92 -27.61 -41.90
CA GLN C 190 20.62 -28.15 -40.74
C GLN C 190 19.63 -28.84 -39.80
N TRP C 191 18.48 -28.20 -39.59
CA TRP C 191 17.43 -28.76 -38.73
C TRP C 191 16.87 -30.03 -39.35
N LYS C 192 16.57 -29.98 -40.64
CA LYS C 192 15.95 -31.10 -41.35
C LYS C 192 16.90 -32.29 -41.56
N SER C 193 18.21 -32.03 -41.55
CA SER C 193 19.19 -33.07 -41.84
C SER C 193 19.25 -34.16 -40.78
N HIS C 194 19.39 -33.73 -39.53
CA HIS C 194 19.59 -34.64 -38.41
C HIS C 194 18.30 -35.29 -37.94
N LYS C 195 18.44 -36.45 -37.29
CA LYS C 195 17.29 -37.18 -36.75
C LYS C 195 16.72 -36.52 -35.47
N SER C 196 17.57 -35.85 -34.70
CA SER C 196 17.10 -35.18 -33.50
C SER C 196 18.06 -34.12 -32.98
N TYR C 197 17.53 -33.23 -32.14
CA TYR C 197 18.36 -32.28 -31.42
C TYR C 197 18.00 -32.37 -29.94
N SER C 198 19.00 -32.13 -29.09
CA SER C 198 18.76 -32.25 -27.66
C SER C 198 19.33 -31.06 -26.91
N CYS C 199 18.63 -30.66 -25.85
CA CYS C 199 19.09 -29.67 -24.91
C CYS C 199 19.44 -30.38 -23.58
N GLN C 200 20.70 -30.32 -23.14
CA GLN C 200 21.10 -31.01 -21.92
C GLN C 200 21.45 -30.00 -20.85
N VAL C 201 20.70 -29.94 -19.77
CA VAL C 201 21.12 -28.97 -18.77
C VAL C 201 21.56 -29.66 -17.48
N THR C 202 22.76 -29.31 -17.07
CA THR C 202 23.37 -29.92 -15.90
C THR C 202 23.25 -29.00 -14.72
N HIS C 203 22.76 -29.56 -13.63
CA HIS C 203 22.55 -28.80 -12.41
C HIS C 203 22.97 -29.63 -11.19
N GLU C 204 23.95 -29.12 -10.44
CA GLU C 204 24.44 -29.84 -9.25
C GLU C 204 24.81 -31.27 -9.59
N GLY C 205 25.54 -31.44 -10.68
CA GLY C 205 26.03 -32.75 -11.07
C GLY C 205 25.03 -33.70 -11.69
N SER C 206 23.73 -33.37 -11.68
CA SER C 206 22.72 -34.18 -12.36
C SER C 206 22.23 -33.46 -13.61
N THR C 207 21.79 -34.22 -14.61
CA THR C 207 21.50 -33.70 -15.93
C THR C 207 20.13 -34.11 -16.45
N VAL C 208 19.35 -33.12 -16.88
CA VAL C 208 18.06 -33.36 -17.53
C VAL C 208 18.24 -33.09 -19.03
N GLU C 209 17.86 -34.05 -19.87
CA GLU C 209 17.91 -33.88 -21.31
C GLU C 209 16.51 -33.96 -21.95
N LYS C 210 16.24 -32.99 -22.82
CA LYS C 210 15.03 -32.92 -23.62
C LYS C 210 15.42 -33.01 -25.09
N THR C 211 14.62 -33.73 -25.88
CA THR C 211 14.95 -33.96 -27.28
C THR C 211 13.76 -33.62 -28.19
N VAL C 212 14.03 -33.03 -29.34
CA VAL C 212 13.01 -32.80 -30.37
C VAL C 212 13.48 -33.28 -31.74
N ALA C 213 12.53 -33.55 -32.63
CA ALA C 213 12.86 -34.09 -33.94
C ALA C 213 12.17 -33.39 -35.10
N PRO C 214 12.95 -33.30 -36.26
CA PRO C 214 12.23 -32.73 -37.41
C PRO C 214 11.05 -33.58 -37.85
N THR C 215 11.15 -34.88 -37.65
CA THR C 215 10.13 -35.80 -38.12
C THR C 215 8.77 -35.46 -37.52
N GLU C 216 8.78 -35.00 -36.27
CA GLU C 216 7.62 -34.43 -35.61
C GLU C 216 6.80 -35.45 -34.84
N GLN D 1 -2.05 4.16 -1.49
CA GLN D 1 -1.09 3.39 -2.27
C GLN D 1 -0.50 4.25 -3.38
N VAL D 2 0.59 4.97 -3.08
CA VAL D 2 1.22 5.79 -4.08
C VAL D 2 1.90 4.92 -5.12
N GLN D 3 1.75 5.25 -6.38
CA GLN D 3 2.38 4.49 -7.46
C GLN D 3 2.95 5.37 -8.60
N LEU D 4 4.12 5.05 -9.07
CA LEU D 4 4.78 5.79 -10.11
C LEU D 4 5.02 4.94 -11.33
N GLN D 5 4.90 5.51 -12.50
CA GLN D 5 5.32 4.84 -13.70
C GLN D 5 6.02 5.76 -14.69
N GLU D 6 7.27 5.47 -14.96
CA GLU D 6 8.08 6.23 -15.91
C GLU D 6 7.78 5.83 -17.36
N SER D 7 7.83 6.82 -18.25
CA SER D 7 7.67 6.60 -19.69
C SER D 7 8.81 7.28 -20.46
N GLY D 8 9.37 6.59 -21.44
CA GLY D 8 10.48 7.11 -22.22
C GLY D 8 10.53 6.51 -23.62
N PRO D 9 11.48 7.01 -24.42
CA PRO D 9 11.74 6.59 -25.80
C PRO D 9 12.40 5.22 -25.97
N GLY D 10 13.11 4.76 -24.96
CA GLY D 10 13.89 3.53 -25.06
C GLY D 10 15.24 3.79 -25.75
N LEU D 11 15.19 4.35 -26.95
CA LEU D 11 16.40 4.65 -27.69
C LEU D 11 16.51 6.14 -27.98
N VAL D 12 17.70 6.68 -27.80
CA VAL D 12 17.98 8.09 -28.12
C VAL D 12 19.33 8.15 -28.84
N LYS D 13 19.40 8.93 -29.91
CA LYS D 13 20.68 9.13 -30.59
C LYS D 13 21.54 10.12 -29.80
N PRO D 14 22.86 9.96 -29.87
CA PRO D 14 23.79 10.88 -29.20
C PRO D 14 23.51 12.32 -29.58
N SER D 15 23.67 13.22 -28.61
CA SER D 15 23.49 14.66 -28.76
C SER D 15 22.02 15.08 -28.74
N GLU D 16 21.09 14.13 -28.86
CA GLU D 16 19.68 14.48 -28.77
C GLU D 16 19.36 14.83 -27.32
N THR D 17 18.15 15.33 -27.09
CA THR D 17 17.68 15.60 -25.74
C THR D 17 16.76 14.48 -25.25
N LEU D 18 17.13 13.89 -24.13
CA LEU D 18 16.37 12.83 -23.51
C LEU D 18 15.18 13.43 -22.80
N SER D 19 13.98 12.95 -23.13
CA SER D 19 12.78 13.44 -22.49
C SER D 19 12.03 12.30 -21.82
N LEU D 20 11.80 12.42 -20.50
CA LEU D 20 11.10 11.37 -19.75
C LEU D 20 9.93 11.94 -18.95
N THR D 21 8.93 11.10 -18.72
CA THR D 21 7.77 11.48 -17.94
C THR D 21 7.50 10.44 -16.86
N CYS D 22 7.10 10.92 -15.69
CA CYS D 22 6.67 10.04 -14.61
C CYS D 22 5.21 10.32 -14.26
N SER D 23 4.33 9.33 -14.42
CA SER D 23 2.92 9.49 -14.04
C SER D 23 2.67 8.94 -12.64
N VAL D 24 2.02 9.74 -11.79
CA VAL D 24 1.78 9.25 -10.45
C VAL D 24 0.28 9.13 -10.08
N SER D 25 -0.02 8.07 -9.33
CA SER D 25 -1.37 7.84 -8.84
C SER D 25 -1.34 7.64 -7.34
N GLY D 26 -2.47 7.90 -6.68
CA GLY D 26 -2.57 7.70 -5.25
C GLY D 26 -1.83 8.75 -4.43
N ALA D 27 -1.52 9.87 -5.08
CA ALA D 27 -0.90 11.02 -4.42
C ALA D 27 -0.96 12.20 -5.36
N SER D 28 -1.03 13.41 -4.82
CA SER D 28 -0.95 14.61 -5.63
C SER D 28 0.51 15.01 -5.76
N ILE D 29 0.95 15.41 -6.94
CA ILE D 29 2.36 15.79 -7.07
C ILE D 29 2.69 17.04 -6.26
N SER D 30 1.69 17.88 -6.04
CA SER D 30 1.89 19.15 -5.34
C SER D 30 2.14 18.92 -3.86
N ASP D 31 1.85 17.72 -3.36
CA ASP D 31 2.06 17.40 -1.95
C ASP D 31 3.49 17.00 -1.59
N HIS D 32 4.34 16.72 -2.58
CA HIS D 32 5.66 16.16 -2.29
C HIS D 32 6.76 16.66 -3.23
N TYR D 33 8.01 16.51 -2.81
CA TYR D 33 9.15 16.60 -3.72
C TYR D 33 9.18 15.36 -4.60
N TRP D 34 9.82 15.48 -5.76
CA TRP D 34 10.00 14.38 -6.71
C TRP D 34 11.46 14.37 -7.19
N SER D 35 12.03 13.18 -7.38
CA SER D 35 13.40 13.02 -7.84
C SER D 35 13.49 12.14 -9.06
N TRP D 36 14.57 12.32 -9.82
CA TRP D 36 14.97 11.31 -10.79
C TRP D 36 16.34 10.72 -10.37
N ILE D 37 16.51 9.42 -10.56
CA ILE D 37 17.74 8.71 -10.23
C ILE D 37 18.05 7.85 -11.45
N ARG D 38 19.33 7.62 -11.75
CA ARG D 38 19.60 6.70 -12.87
C ARG D 38 20.63 5.67 -12.45
N GLN D 39 20.59 4.55 -13.15
CA GLN D 39 21.45 3.45 -12.80
C GLN D 39 22.09 2.80 -14.01
N SER D 40 23.42 2.77 -13.98
CA SER D 40 24.23 2.09 -14.96
C SER D 40 25.46 1.54 -14.26
N PRO D 41 26.11 0.51 -14.84
CA PRO D 41 27.35 0.01 -14.28
C PRO D 41 28.43 1.10 -14.12
N GLY D 42 28.40 2.10 -14.99
CA GLY D 42 29.36 3.19 -14.94
C GLY D 42 29.28 4.11 -13.72
N LYS D 43 28.07 4.40 -13.25
CA LYS D 43 27.95 5.29 -12.09
C LYS D 43 27.23 4.72 -10.86
N GLY D 44 26.81 3.46 -10.87
CA GLY D 44 26.01 2.94 -9.76
C GLY D 44 24.67 3.65 -9.76
N LEU D 45 24.12 3.91 -8.58
CA LEU D 45 22.92 4.72 -8.47
C LEU D 45 23.37 6.18 -8.34
N GLU D 46 22.90 7.00 -9.28
CA GLU D 46 23.24 8.41 -9.33
C GLU D 46 22.00 9.27 -9.25
N TRP D 47 21.96 10.12 -8.25
CA TRP D 47 20.83 11.02 -8.02
C TRP D 47 20.90 12.17 -9.02
N ILE D 48 19.87 12.34 -9.82
CA ILE D 48 19.92 13.35 -10.86
C ILE D 48 19.52 14.72 -10.34
N GLY D 49 18.43 14.75 -9.57
CA GLY D 49 17.96 15.98 -8.96
C GLY D 49 16.59 15.83 -8.36
N TYR D 50 16.11 16.90 -7.74
CA TYR D 50 14.76 16.91 -7.18
C TYR D 50 14.06 18.23 -7.42
N VAL D 51 12.72 18.18 -7.37
CA VAL D 51 11.86 19.35 -7.57
C VAL D 51 10.65 19.37 -6.62
N TYR D 52 10.18 20.55 -6.29
CA TYR D 52 8.95 20.73 -5.51
C TYR D 52 8.12 21.89 -6.04
N ASP D 53 6.79 21.75 -5.94
CA ASP D 53 5.82 22.73 -6.44
C ASP D 53 6.18 24.20 -6.18
N SER D 54 6.79 24.48 -5.03
CA SER D 54 7.18 25.85 -4.69
C SER D 54 8.28 26.43 -5.57
N GLY D 55 8.93 25.59 -6.37
CA GLY D 55 10.06 26.03 -7.17
C GLY D 55 11.40 25.66 -6.57
N ASP D 56 11.39 25.07 -5.38
CA ASP D 56 12.62 24.55 -4.79
C ASP D 56 13.13 23.46 -5.73
N THR D 57 14.31 23.67 -6.30
CA THR D 57 14.90 22.69 -7.20
C THR D 57 16.39 22.59 -6.97
N ASN D 58 16.95 21.42 -7.18
CA ASN D 58 18.38 21.23 -7.06
C ASN D 58 18.80 20.12 -7.98
N TYR D 59 19.95 20.29 -8.62
CA TYR D 59 20.45 19.32 -9.59
C TYR D 59 21.82 18.84 -9.19
N ASN D 60 22.12 17.59 -9.57
CA ASN D 60 23.45 17.04 -9.44
C ASN D 60 24.40 18.00 -10.17
N PRO D 61 25.40 18.53 -9.45
CA PRO D 61 26.23 19.59 -10.05
C PRO D 61 26.94 19.17 -11.33
N SER D 62 27.32 17.90 -11.43
CA SER D 62 27.99 17.43 -12.63
C SER D 62 27.03 17.32 -13.82
N LEU D 63 25.72 17.34 -13.53
CA LEU D 63 24.71 17.29 -14.57
C LEU D 63 23.98 18.61 -14.72
N LYS D 64 24.27 19.51 -13.78
CA LYS D 64 23.56 20.78 -13.63
C LYS D 64 23.19 21.49 -14.91
N SER D 65 24.17 21.75 -15.78
CA SER D 65 23.86 22.53 -16.95
C SER D 65 23.06 21.79 -18.01
N ARG D 66 22.92 20.47 -17.88
CA ARG D 66 22.19 19.68 -18.87
C ARG D 66 20.75 19.27 -18.49
N VAL D 67 20.37 19.51 -17.24
CA VAL D 67 19.16 18.94 -16.67
C VAL D 67 18.01 19.94 -16.50
N ASN D 68 16.81 19.51 -16.83
CA ASN D 68 15.64 20.27 -16.41
C ASN D 68 14.62 19.31 -15.81
N LEU D 69 14.06 19.66 -14.64
CA LEU D 69 12.98 18.86 -14.07
C LEU D 69 11.75 19.74 -13.96
N SER D 70 10.58 19.23 -14.32
CA SER D 70 9.38 20.05 -14.22
C SER D 70 8.16 19.24 -13.78
N LEU D 71 7.12 19.96 -13.36
CA LEU D 71 5.89 19.39 -12.80
C LEU D 71 4.63 19.78 -13.61
N ASP D 72 3.77 18.81 -13.93
CA ASP D 72 2.52 19.07 -14.61
C ASP D 72 1.33 18.68 -13.74
N THR D 73 0.79 19.66 -13.02
CA THR D 73 -0.27 19.37 -12.05
C THR D 73 -1.57 18.91 -12.71
N SER D 74 -1.86 19.41 -13.91
CA SER D 74 -3.07 19.03 -14.61
C SER D 74 -3.06 17.54 -14.96
N LYS D 75 -1.88 17.00 -15.23
CA LYS D 75 -1.76 15.57 -15.54
C LYS D 75 -1.20 14.76 -14.38
N ASN D 76 -0.86 15.45 -13.29
CA ASN D 76 -0.21 14.82 -12.15
C ASN D 76 1.04 14.05 -12.58
N GLN D 77 1.94 14.73 -13.27
CA GLN D 77 3.16 14.04 -13.70
C GLN D 77 4.41 14.90 -13.54
N VAL D 78 5.54 14.20 -13.42
CA VAL D 78 6.85 14.81 -13.31
C VAL D 78 7.63 14.53 -14.57
N SER D 79 8.41 15.50 -15.05
CA SER D 79 9.17 15.31 -16.28
C SER D 79 10.66 15.59 -16.13
N LEU D 80 11.48 14.88 -16.90
CA LEU D 80 12.91 15.11 -16.94
C LEU D 80 13.37 15.39 -18.37
N SER D 81 14.25 16.35 -18.56
CA SER D 81 14.90 16.50 -19.84
C SER D 81 16.40 16.60 -19.66
N LEU D 82 17.15 15.84 -20.44
CA LEU D 82 18.59 15.89 -20.39
C LEU D 82 19.18 16.15 -21.77
N THR D 83 19.94 17.23 -21.88
CA THR D 83 20.60 17.64 -23.12
C THR D 83 21.88 16.90 -23.41
N ALA D 84 22.29 16.93 -24.67
CA ALA D 84 23.62 16.51 -25.06
C ALA D 84 23.98 15.10 -24.61
N VAL D 85 23.09 14.16 -24.83
CA VAL D 85 23.28 12.81 -24.36
C VAL D 85 24.42 12.10 -25.05
N THR D 86 25.08 11.25 -24.29
CA THR D 86 26.14 10.41 -24.76
C THR D 86 25.90 8.97 -24.29
N ALA D 87 26.72 8.06 -24.77
CA ALA D 87 26.67 6.66 -24.35
C ALA D 87 26.82 6.55 -22.84
N ALA D 88 27.49 7.53 -22.24
CA ALA D 88 27.66 7.56 -20.79
C ALA D 88 26.32 7.80 -20.08
N ASP D 89 25.32 8.27 -20.81
CA ASP D 89 24.00 8.49 -20.25
C ASP D 89 23.07 7.28 -20.37
N SER D 90 23.53 6.21 -20.99
CA SER D 90 22.70 5.02 -21.11
C SER D 90 22.51 4.44 -19.72
N ALA D 91 21.26 4.28 -19.32
CA ALA D 91 20.94 3.80 -17.96
C ALA D 91 19.46 3.47 -17.80
N ILE D 92 19.15 2.87 -16.65
CA ILE D 92 17.76 2.81 -16.22
C ILE D 92 17.45 4.09 -15.43
N TYR D 93 16.37 4.75 -15.79
CA TYR D 93 15.95 5.98 -15.15
C TYR D 93 14.67 5.77 -14.32
N TYR D 94 14.75 6.15 -13.06
CA TYR D 94 13.66 6.04 -12.10
C TYR D 94 13.18 7.41 -11.64
N CYS D 95 11.87 7.55 -11.44
CA CYS D 95 11.35 8.68 -10.68
C CYS D 95 10.98 8.18 -9.28
N ALA D 96 11.10 9.04 -8.28
CA ALA D 96 10.80 8.64 -6.90
C ALA D 96 10.17 9.76 -6.09
N ARG D 97 9.16 9.41 -5.31
CA ARG D 97 8.62 10.37 -4.36
C ARG D 97 9.70 10.67 -3.33
N THR D 98 9.89 11.94 -3.05
CA THR D 98 10.98 12.37 -2.19
C THR D 98 10.51 13.20 -1.02
N GLN D 99 11.14 12.97 0.12
CA GLN D 99 10.79 13.58 1.38
C GLN D 99 12.07 14.05 2.05
N HIS D 100 11.96 14.94 3.03
CA HIS D 100 13.15 15.45 3.70
C HIS D 100 12.95 15.45 5.22
N GLY D 101 14.07 15.38 5.92
CA GLY D 101 14.07 15.38 7.36
C GLY D 101 15.16 16.27 7.95
N ARG D 102 15.11 16.47 9.26
CA ARG D 102 16.18 17.16 9.99
C ARG D 102 16.92 16.15 10.85
N ARG D 103 18.24 16.20 10.76
CA ARG D 103 19.08 15.47 11.69
C ARG D 103 19.53 16.52 12.69
N ILE D 104 19.07 16.40 13.92
CA ILE D 104 19.37 17.41 14.94
C ILE D 104 20.39 16.85 15.91
N TYR D 105 21.57 17.45 15.98
CA TYR D 105 22.60 16.92 16.87
C TYR D 105 22.90 17.86 18.03
N GLY D 106 22.16 18.95 18.13
CA GLY D 106 22.42 19.97 19.12
C GLY D 106 21.19 20.86 19.17
N ILE D 107 21.38 22.09 19.62
CA ILE D 107 20.32 23.06 19.79
C ILE D 107 19.88 23.62 18.45
N VAL D 108 18.61 23.45 18.08
CA VAL D 108 18.19 23.88 16.75
C VAL D 108 18.30 25.40 16.60
N ALA D 109 18.11 26.15 17.68
CA ALA D 109 18.24 27.61 17.62
C ALA D 109 19.66 28.03 17.26
N PHE D 110 20.62 27.20 17.64
CA PHE D 110 22.02 27.41 17.27
C PHE D 110 22.39 26.84 15.90
N ARG D 111 21.37 26.42 15.16
CA ARG D 111 21.54 25.82 13.84
C ARG D 111 22.34 24.52 13.88
N GLU D 112 22.25 23.80 14.99
CA GLU D 112 22.97 22.54 15.10
C GLU D 112 22.12 21.40 14.49
N TRP D 113 21.77 21.53 13.22
CA TRP D 113 21.03 20.52 12.50
C TRP D 113 21.28 20.69 11.01
N PHE D 114 20.95 19.68 10.22
CA PHE D 114 20.98 19.80 8.77
C PHE D 114 19.81 19.02 8.16
N THR D 115 19.52 19.30 6.89
CA THR D 115 18.46 18.61 6.19
C THR D 115 19.03 17.44 5.40
N TYR D 116 18.32 16.32 5.36
CA TYR D 116 18.69 15.20 4.49
C TYR D 116 17.44 14.85 3.72
N PHE D 117 17.62 14.20 2.57
CA PHE D 117 16.50 13.74 1.73
C PHE D 117 16.47 12.22 1.61
N TYR D 118 15.27 11.64 1.52
CA TYR D 118 15.12 10.21 1.30
C TYR D 118 13.98 9.94 0.30
N MET D 119 14.17 8.91 -0.50
CA MET D 119 13.26 8.58 -1.60
C MET D 119 12.51 7.30 -1.27
N ASP D 120 11.26 7.42 -0.79
CA ASP D 120 10.59 6.22 -0.28
C ASP D 120 9.74 5.43 -1.28
N VAL D 121 9.30 6.03 -2.38
CA VAL D 121 8.56 5.24 -3.36
C VAL D 121 9.14 5.47 -4.74
N TRP D 122 9.54 4.40 -5.40
CA TRP D 122 10.15 4.51 -6.73
C TRP D 122 9.26 3.89 -7.80
N GLY D 123 9.36 4.39 -9.03
CA GLY D 123 8.73 3.74 -10.17
C GLY D 123 9.53 2.51 -10.54
N GLN D 124 9.05 1.73 -11.50
CA GLN D 124 9.73 0.51 -11.92
C GLN D 124 10.95 0.80 -12.80
N GLY D 125 10.99 2.00 -13.37
CA GLY D 125 12.15 2.43 -14.08
C GLY D 125 11.98 2.26 -15.57
N THR D 126 12.64 3.10 -16.34
CA THR D 126 12.58 2.97 -17.78
C THR D 126 14.00 2.95 -18.33
N PRO D 127 14.30 1.97 -19.20
CA PRO D 127 15.63 1.82 -19.77
C PRO D 127 15.85 2.80 -20.92
N VAL D 128 17.02 3.42 -20.94
CA VAL D 128 17.36 4.34 -22.02
C VAL D 128 18.69 3.91 -22.59
N THR D 129 18.70 3.62 -23.89
CA THR D 129 19.94 3.24 -24.56
C THR D 129 20.35 4.41 -25.49
N VAL D 130 21.50 5.03 -25.22
CA VAL D 130 21.97 6.12 -26.09
C VAL D 130 22.88 5.55 -27.15
N SER D 131 22.44 5.58 -28.40
CA SER D 131 23.15 4.87 -29.46
C SER D 131 22.90 5.40 -30.86
N SER D 132 23.88 5.21 -31.74
CA SER D 132 23.75 5.63 -33.13
C SER D 132 23.16 4.54 -34.02
N ALA D 133 23.15 3.30 -33.52
CA ALA D 133 22.56 2.21 -34.28
C ALA D 133 21.07 2.46 -34.39
N SER D 134 20.44 1.95 -35.44
CA SER D 134 19.01 2.18 -35.57
C SER D 134 18.25 1.10 -34.82
N THR D 135 17.00 1.37 -34.48
CA THR D 135 16.12 0.37 -33.90
C THR D 135 15.82 -0.73 -34.90
N LYS D 136 15.58 -1.94 -34.38
CA LYS D 136 14.98 -3.02 -35.14
C LYS D 136 13.85 -3.67 -34.36
N GLY D 137 12.67 -3.69 -34.95
CA GLY D 137 11.53 -4.35 -34.35
C GLY D 137 11.75 -5.85 -34.36
N PRO D 138 11.14 -6.55 -33.43
CA PRO D 138 11.30 -8.01 -33.35
C PRO D 138 10.50 -8.77 -34.39
N SER D 139 10.91 -9.99 -34.68
CA SER D 139 10.03 -10.90 -35.39
C SER D 139 9.47 -11.85 -34.36
N VAL D 140 8.15 -12.04 -34.36
CA VAL D 140 7.50 -12.86 -33.37
C VAL D 140 6.95 -14.15 -33.96
N PHE D 141 7.33 -15.27 -33.38
CA PHE D 141 6.92 -16.59 -33.82
C PHE D 141 6.23 -17.33 -32.68
N PRO D 142 5.17 -18.08 -33.00
CA PRO D 142 4.44 -18.85 -31.99
C PRO D 142 5.28 -20.06 -31.55
N LEU D 143 5.20 -20.39 -30.28
CA LEU D 143 5.75 -21.60 -29.73
C LEU D 143 4.56 -22.48 -29.42
N ALA D 144 4.17 -23.26 -30.41
CA ALA D 144 2.93 -24.00 -30.34
C ALA D 144 2.88 -25.14 -29.32
N PRO D 145 1.66 -25.27 -28.65
CA PRO D 145 1.62 -26.40 -27.71
C PRO D 145 1.63 -27.76 -28.39
N SER D 146 2.14 -28.75 -27.67
CA SER D 146 2.49 -30.04 -28.22
C SER D 146 1.34 -30.82 -28.86
N SER D 147 0.17 -30.86 -28.21
CA SER D 147 -0.92 -31.66 -28.74
C SER D 147 -0.57 -33.15 -28.74
N THR D 150 1.37 -31.08 -22.41
CA THR D 150 2.01 -32.26 -23.00
C THR D 150 2.35 -33.29 -21.93
N SER D 151 2.42 -32.83 -20.68
CA SER D 151 2.71 -33.70 -19.54
C SER D 151 1.71 -33.37 -18.43
N GLY D 152 1.00 -34.37 -17.93
CA GLY D 152 -0.05 -34.12 -16.97
C GLY D 152 -1.15 -33.34 -17.67
N GLY D 153 -2.00 -32.68 -16.88
CA GLY D 153 -3.12 -31.90 -17.42
C GLY D 153 -2.73 -30.64 -18.19
N THR D 154 -1.47 -30.25 -18.09
CA THR D 154 -1.00 -28.94 -18.55
C THR D 154 -0.16 -28.94 -19.84
N ALA D 155 -0.26 -27.87 -20.62
CA ALA D 155 0.61 -27.67 -21.78
C ALA D 155 1.36 -26.33 -21.72
N ALA D 156 2.55 -26.29 -22.32
CA ALA D 156 3.30 -25.04 -22.44
C ALA D 156 3.14 -24.45 -23.84
N LEU D 157 2.77 -23.18 -23.91
CA LEU D 157 2.73 -22.48 -25.19
C LEU D 157 3.32 -21.10 -25.00
N GLY D 158 3.83 -20.54 -26.07
CA GLY D 158 4.57 -19.29 -25.92
C GLY D 158 4.75 -18.51 -27.19
N CYS D 159 5.56 -17.46 -27.09
CA CYS D 159 5.94 -16.65 -28.22
C CYS D 159 7.43 -16.44 -28.17
N LEU D 160 8.08 -16.62 -29.31
CA LEU D 160 9.49 -16.31 -29.44
C LEU D 160 9.66 -14.90 -30.04
N VAL D 161 10.30 -14.02 -29.30
CA VAL D 161 10.51 -12.66 -29.76
C VAL D 161 11.96 -12.45 -30.18
N LYS D 162 12.18 -12.30 -31.48
CA LYS D 162 13.51 -12.46 -32.04
C LYS D 162 14.17 -11.21 -32.64
N ASP D 163 15.46 -11.07 -32.40
CA ASP D 163 16.29 -10.07 -33.07
C ASP D 163 15.79 -8.63 -33.03
N TYR D 164 15.62 -8.09 -31.83
CA TYR D 164 15.24 -6.70 -31.64
C TYR D 164 16.33 -5.87 -30.96
N PHE D 165 16.29 -4.57 -31.22
CA PHE D 165 17.15 -3.60 -30.53
C PHE D 165 16.26 -2.37 -30.32
N PRO D 166 16.57 -1.42 -29.32
CA PRO D 166 17.19 -2.04 -28.15
C PRO D 166 16.11 -2.50 -27.17
N GLU D 167 16.50 -2.72 -25.92
CA GLU D 167 15.54 -3.01 -24.87
C GLU D 167 14.76 -1.72 -24.65
N PRO D 168 13.46 -1.73 -24.13
CA PRO D 168 12.95 -3.04 -23.71
C PRO D 168 11.80 -3.57 -24.57
N VAL D 169 11.51 -4.85 -24.40
CA VAL D 169 10.31 -5.46 -24.94
C VAL D 169 9.38 -5.86 -23.79
N THR D 170 8.10 -5.59 -23.99
CA THR D 170 7.06 -5.90 -23.04
CA THR D 170 7.07 -5.98 -22.98
C THR D 170 6.11 -6.97 -23.64
N VAL D 171 5.77 -7.97 -22.84
CA VAL D 171 4.83 -8.98 -23.33
C VAL D 171 3.65 -9.17 -22.37
N SER D 172 2.45 -9.13 -22.91
CA SER D 172 1.28 -9.53 -22.13
C SER D 172 0.55 -10.61 -22.91
N TRP D 173 -0.40 -11.25 -22.26
CA TRP D 173 -1.19 -12.28 -22.92
C TRP D 173 -2.67 -11.94 -22.84
N ASN D 174 -3.34 -12.05 -23.99
CA ASN D 174 -4.76 -11.75 -24.11
C ASN D 174 -5.08 -10.36 -23.54
N SER D 175 -4.23 -9.41 -23.90
CA SER D 175 -4.37 -8.01 -23.49
C SER D 175 -4.39 -7.84 -21.96
N GLY D 176 -3.67 -8.71 -21.27
CA GLY D 176 -3.55 -8.66 -19.83
C GLY D 176 -4.62 -9.39 -19.06
N ALA D 177 -5.56 -9.99 -19.76
CA ALA D 177 -6.56 -10.86 -19.17
C ALA D 177 -5.95 -12.12 -18.59
N LEU D 178 -4.94 -12.66 -19.26
CA LEU D 178 -4.34 -13.89 -18.83
C LEU D 178 -3.04 -13.60 -18.11
N THR D 179 -3.01 -13.93 -16.83
CA THR D 179 -1.87 -13.63 -15.99
C THR D 179 -1.28 -14.83 -15.26
N SER D 180 -2.12 -15.79 -14.94
CA SER D 180 -1.71 -16.99 -14.23
C SER D 180 -0.94 -17.93 -15.14
N GLY D 181 0.20 -18.41 -14.67
CA GLY D 181 1.03 -19.30 -15.43
C GLY D 181 1.93 -18.63 -16.46
N VAL D 182 1.98 -17.32 -16.46
CA VAL D 182 2.78 -16.60 -17.43
C VAL D 182 4.19 -16.42 -16.94
N HIS D 183 5.15 -16.90 -17.72
CA HIS D 183 6.56 -16.67 -17.43
C HIS D 183 7.28 -16.06 -18.62
N THR D 184 7.74 -14.83 -18.47
CA THR D 184 8.51 -14.16 -19.53
C THR D 184 9.97 -14.13 -19.15
N PHE D 185 10.81 -14.76 -19.97
CA PHE D 185 12.21 -14.88 -19.67
C PHE D 185 13.01 -13.64 -20.04
N PRO D 186 14.01 -13.30 -19.23
CA PRO D 186 14.98 -12.29 -19.59
C PRO D 186 15.62 -12.54 -20.95
N ALA D 187 15.79 -11.45 -21.66
CA ALA D 187 16.35 -11.49 -22.99
C ALA D 187 17.79 -11.92 -22.94
N VAL D 188 18.20 -12.60 -23.99
CA VAL D 188 19.58 -12.84 -24.23
C VAL D 188 20.09 -11.78 -25.19
N LEU D 189 21.30 -11.29 -24.93
CA LEU D 189 21.99 -10.41 -25.83
C LEU D 189 22.92 -11.23 -26.71
N GLN D 190 22.62 -11.23 -27.99
CA GLN D 190 23.32 -12.05 -28.97
C GLN D 190 24.65 -11.48 -29.43
N SER D 191 25.43 -12.32 -30.09
CA SER D 191 26.72 -11.93 -30.63
C SER D 191 26.50 -10.83 -31.65
N SER D 192 25.40 -10.93 -32.37
CA SER D 192 25.02 -9.94 -33.36
C SER D 192 24.77 -8.58 -32.72
N GLY D 193 24.47 -8.57 -31.44
CA GLY D 193 24.14 -7.35 -30.74
C GLY D 193 22.65 -7.10 -30.71
N LEU D 194 21.89 -8.01 -31.31
CA LEU D 194 20.45 -8.07 -31.17
C LEU D 194 20.03 -8.82 -29.91
N TYR D 195 18.82 -8.52 -29.43
CA TYR D 195 18.23 -9.19 -28.28
C TYR D 195 17.17 -10.19 -28.73
N SER D 196 17.00 -11.27 -27.98
CA SER D 196 15.87 -12.17 -28.15
C SER D 196 15.28 -12.62 -26.81
N LEU D 197 13.97 -12.83 -26.73
CA LEU D 197 13.40 -13.41 -25.51
C LEU D 197 12.27 -14.36 -25.84
N SER D 198 11.84 -15.09 -24.82
CA SER D 198 10.66 -15.94 -24.94
C SER D 198 9.71 -15.64 -23.80
N SER D 199 8.43 -15.74 -24.09
CA SER D 199 7.40 -15.69 -23.07
C SER D 199 6.54 -16.94 -23.24
N VAL D 200 6.37 -17.71 -22.16
CA VAL D 200 5.56 -18.91 -22.18
C VAL D 200 4.45 -18.85 -21.15
N VAL D 201 3.36 -19.56 -21.40
CA VAL D 201 2.32 -19.68 -20.40
C VAL D 201 1.94 -21.15 -20.24
N THR D 202 1.78 -21.55 -19.00
CA THR D 202 1.35 -22.89 -18.66
C THR D 202 -0.16 -22.88 -18.51
N VAL D 203 -0.79 -23.78 -19.26
CA VAL D 203 -2.22 -23.80 -19.46
C VAL D 203 -2.80 -25.22 -19.41
N PRO D 204 -4.15 -25.29 -19.02
CA PRO D 204 -4.72 -26.65 -19.07
C PRO D 204 -4.80 -27.19 -20.49
N SER D 205 -4.46 -28.46 -20.65
CA SER D 205 -4.50 -29.13 -21.93
C SER D 205 -5.92 -29.18 -22.47
N SER D 206 -6.86 -29.37 -21.56
CA SER D 206 -8.27 -29.48 -21.90
C SER D 206 -8.79 -28.21 -22.58
N SER D 207 -8.27 -27.09 -22.14
CA SER D 207 -8.64 -25.76 -22.64
C SER D 207 -8.29 -25.49 -24.11
N LEU D 208 -7.32 -26.22 -24.65
CA LEU D 208 -6.62 -25.85 -25.87
C LEU D 208 -7.52 -25.71 -27.09
N GLY D 209 -8.51 -26.57 -27.20
CA GLY D 209 -9.49 -26.49 -28.26
C GLY D 209 -10.37 -25.25 -28.24
N THR D 210 -10.75 -24.81 -27.06
CA THR D 210 -11.70 -23.73 -26.91
C THR D 210 -11.19 -22.36 -26.50
N GLN D 211 -9.94 -22.28 -26.07
CA GLN D 211 -9.39 -21.02 -25.59
C GLN D 211 -8.41 -20.44 -26.58
N THR D 212 -8.55 -19.17 -26.92
CA THR D 212 -7.59 -18.54 -27.80
C THR D 212 -6.53 -17.80 -27.01
N TYR D 213 -5.29 -17.94 -27.46
CA TYR D 213 -4.14 -17.38 -26.78
C TYR D 213 -3.36 -16.47 -27.71
N ILE D 214 -3.25 -15.22 -27.30
CA ILE D 214 -2.60 -14.20 -28.10
C ILE D 214 -1.53 -13.51 -27.29
N CYS D 215 -0.30 -13.53 -27.77
CA CYS D 215 0.71 -12.78 -27.05
C CYS D 215 0.82 -11.34 -27.63
N ASN D 216 0.83 -10.36 -26.75
CA ASN D 216 0.94 -8.97 -27.16
C ASN D 216 2.35 -8.50 -26.87
N VAL D 217 3.10 -8.29 -27.92
CA VAL D 217 4.50 -7.89 -27.81
C VAL D 217 4.60 -6.42 -28.16
N ASN D 218 5.18 -5.65 -27.25
CA ASN D 218 5.32 -4.22 -27.47
C ASN D 218 6.77 -3.81 -27.45
N HIS D 219 7.21 -3.16 -28.52
CA HIS D 219 8.56 -2.62 -28.63
C HIS D 219 8.52 -1.14 -28.97
N LYS D 220 8.55 -0.30 -27.94
CA LYS D 220 8.36 1.14 -28.07
C LYS D 220 9.42 1.80 -28.91
N PRO D 221 10.71 1.28 -28.74
CA PRO D 221 11.74 1.98 -29.53
C PRO D 221 11.47 1.95 -31.03
N SER D 222 10.94 0.87 -31.55
CA SER D 222 10.62 0.81 -32.97
C SER D 222 9.17 1.21 -33.26
N ASN D 223 8.44 1.57 -32.23
CA ASN D 223 7.03 1.91 -32.36
C ASN D 223 6.22 0.80 -32.99
N THR D 224 6.57 -0.42 -32.63
CA THR D 224 5.87 -1.57 -33.14
C THR D 224 5.22 -2.37 -32.02
N LYS D 225 4.00 -2.80 -32.29
CA LYS D 225 3.28 -3.74 -31.46
C LYS D 225 2.88 -4.95 -32.30
N VAL D 226 3.12 -6.14 -31.81
CA VAL D 226 2.66 -7.33 -32.48
C VAL D 226 1.75 -8.18 -31.61
N ASP D 227 0.60 -8.56 -32.15
CA ASP D 227 -0.25 -9.51 -31.51
C ASP D 227 -0.13 -10.81 -32.29
N LYS D 228 0.31 -11.86 -31.63
CA LYS D 228 0.47 -13.15 -32.28
C LYS D 228 -0.44 -14.19 -31.67
N LYS D 229 -1.25 -14.76 -32.53
CA LYS D 229 -2.17 -15.82 -32.17
C LYS D 229 -1.36 -17.12 -32.05
N VAL D 230 -1.48 -17.80 -30.93
CA VAL D 230 -0.75 -19.03 -30.75
C VAL D 230 -1.73 -20.20 -30.69
N GLU D 231 -1.58 -21.12 -31.62
CA GLU D 231 -2.54 -22.19 -31.80
C GLU D 231 -1.89 -23.55 -31.76
N PRO D 232 -2.77 -24.60 -31.40
CA PRO D 232 -2.13 -25.92 -31.39
C PRO D 232 -1.60 -26.32 -32.77
N LYS D 233 -0.47 -27.00 -32.80
CA LYS D 233 0.13 -27.35 -34.09
C LYS D 233 -0.47 -28.57 -34.75
N SER D 234 -0.50 -28.54 -36.08
CA SER D 234 -0.98 -29.65 -36.88
C SER D 234 0.16 -30.20 -37.73
O1 PG4 E . 9.48 22.92 6.50
C1 PG4 E . 10.13 21.69 6.57
C2 PG4 E . 10.45 21.29 8.05
O2 PG4 E . 11.41 20.19 8.05
C3 PG4 E . 11.26 19.20 9.04
C4 PG4 E . 10.28 18.13 8.62
O3 PG4 E . 10.97 16.91 8.22
C5 PG4 E . 10.97 15.81 9.18
C6 PG4 E . 12.26 15.97 9.99
O4 PG4 E . 12.58 14.91 10.91
C7 PG4 E . 13.09 13.67 10.34
C8 PG4 E . 14.18 13.17 11.21
O5 PG4 E . 13.88 13.47 12.62
C1 GOL F . -20.87 2.08 13.25
O1 GOL F . -22.08 2.00 13.95
C2 GOL F . -20.23 0.70 13.20
O2 GOL F . -18.92 0.80 12.69
C3 GOL F . -20.10 0.22 14.64
O3 GOL F . -20.37 -1.15 14.68
O1 P6G G . -14.22 6.25 15.87
C2 P6G G . -13.16 5.31 16.06
C3 P6G G . -13.21 4.19 15.01
O4 P6G G . -13.67 2.98 15.59
C5 P6G G . -15.06 2.77 15.34
C6 P6G G . -15.68 1.81 16.36
O7 P6G G . -17.10 2.04 16.40
C8 P6G G . -17.59 1.93 17.73
C9 P6G G . -18.57 3.04 18.05
O10 P6G G . -19.18 2.77 19.32
C11 P6G G . -18.44 3.29 20.42
C12 P6G G . -19.10 2.91 21.74
O13 P6G G . -18.55 3.67 22.80
C14 P6G G . -19.39 3.67 23.95
C15 P6G G . -20.08 5.02 24.06
O16 P6G G . -21.05 4.98 25.11
C17 P6G G . -22.40 5.06 24.64
C18 P6G G . -23.30 4.26 25.59
O19 P6G G . -24.58 4.01 24.99
C1 GOL H . 20.51 -8.23 -6.56
O1 GOL H . 20.66 -7.20 -7.54
C2 GOL H . 21.77 -9.08 -6.52
O2 GOL H . 21.80 -9.87 -7.69
C3 GOL H . 21.73 -9.99 -5.31
O3 GOL H . 22.02 -11.32 -5.71
C1 GOL I . 7.77 -11.58 6.14
O1 GOL I . 8.60 -12.67 6.52
C2 GOL I . 8.63 -10.33 6.11
O2 GOL I . 9.85 -10.67 5.48
C3 GOL I . 8.96 -9.95 7.54
O3 GOL I . 9.38 -11.10 8.25
C1 GOL J . 12.70 3.71 15.31
O1 GOL J . 13.26 2.87 16.32
C2 GOL J . 11.48 3.03 14.71
O2 GOL J . 11.68 1.62 14.72
C3 GOL J . 11.30 3.45 13.27
O3 GOL J . 10.56 2.44 12.58
O1 P6G K . 10.38 -9.63 -9.95
C2 P6G K . 11.40 -10.60 -9.77
C3 P6G K . 12.11 -10.37 -8.44
O4 P6G K . 12.58 -11.60 -7.89
C5 P6G K . 12.91 -11.58 -6.47
C6 P6G K . 11.58 -11.39 -5.69
O7 P6G K . 11.71 -11.79 -4.34
C8 P6G K . 10.61 -11.37 -3.53
C9 P6G K . 9.97 -10.10 -4.17
O10 P6G K . 9.50 -9.16 -3.17
C11 P6G K . 9.67 -7.81 -3.59
C12 P6G K . 9.14 -6.79 -2.55
O13 P6G K . 10.24 -6.14 -1.81
C14 P6G K . 9.80 -5.30 -0.73
C15 P6G K . 10.90 -5.20 0.38
O16 P6G K . 11.07 -6.50 0.95
C17 P6G K . 11.73 -6.56 2.18
C18 P6G K . 12.01 -7.99 2.51
O19 P6G K . 13.12 -8.42 1.81
O1 PG4 L . 10.56 2.24 -1.24
C1 PG4 L . 9.80 1.38 -0.45
C2 PG4 L . 9.96 1.76 1.05
O2 PG4 L . 8.94 1.11 1.81
C3 PG4 L . 7.65 1.65 1.58
C4 PG4 L . 7.59 2.97 2.28
O3 PG4 L . 6.33 3.64 1.98
C5 PG4 L . 6.23 5.01 2.48
C6 PG4 L . 7.00 5.21 3.80
O4 PG4 L . 6.15 5.46 4.95
C7 PG4 L . 5.08 6.44 4.68
C8 PG4 L . 3.73 5.83 4.63
O5 PG4 L . 2.81 6.60 5.46
O1 PG4 M . 2.45 -1.06 7.46
C1 PG4 M . 3.34 0.03 7.71
C2 PG4 M . 3.86 -0.02 9.14
O2 PG4 M . 5.02 0.79 9.28
C3 PG4 M . 4.73 2.19 9.25
C4 PG4 M . 5.88 2.97 9.85
O3 PG4 M . 6.14 4.12 9.06
C5 PG4 M . 5.80 5.33 9.72
C6 PG4 M . 5.41 6.38 8.70
O4 PG4 M . 4.25 7.06 9.17
C7 PG4 M . 3.28 7.30 8.16
C8 PG4 M . 2.39 8.47 8.59
O5 PG4 M . 1.74 9.02 7.46
C1 PGE N . 21.28 -36.92 -20.01
O1 PGE N . 22.07 -36.08 -20.84
C2 PGE N . 20.88 -38.10 -20.86
O2 PGE N . 21.97 -39.02 -20.96
C3 PGE N . 23.18 -38.46 -21.47
C4 PGE N . 24.33 -39.39 -21.12
O4 PGE N . 23.09 -43.05 -20.89
C6 PGE N . 24.09 -42.92 -21.87
C5 PGE N . 24.83 -41.65 -21.56
O3 PGE N . 23.87 -40.72 -21.09
#